data_2VCZ
#
_entry.id   2VCZ
#
_cell.length_a   123.429
_cell.length_b   123.429
_cell.length_c   106.273
_cell.angle_alpha   90.00
_cell.angle_beta   90.00
_cell.angle_gamma   90.00
#
_symmetry.space_group_name_H-M   'I 41'
#
loop_
_entity.id
_entity.type
_entity.pdbx_description
1 polymer 'GLUTATHIONE-REQUIRING PROSTAGLANDIN D SYNTHASE'
2 non-polymer GLUTATHIONE
3 non-polymer 3-(4-nitrophenyl)-1H-pyrazole
4 water water
#
_entity_poly.entity_id   1
_entity_poly.type   'polypeptide(L)'
_entity_poly.pdbx_seq_one_letter_code
;MPNYKLTYFNMRGRAEIIRYIFAYLDIQYEDHRIEQADWPEIKSTLPFGKIPILEVDGLTLHQSLAIARYLTKNTDLAGN
TEMEQCHVDAIVDTLDDFMSCFPWAEKKQDVKEQMFNELLTYNAPHLMQDLDTYLGGREWLIGNSVTWADFYWEICSTTL
LVFKPDLLDNHPRLVTLRKKVQAIPAVANWIKRRPQTKL
;
_entity_poly.pdbx_strand_id   A,B,C,D
#
# COMPACT_ATOMS: atom_id res chain seq x y z
N PRO A 2 28.14 33.77 -13.75
CA PRO A 2 29.25 32.84 -13.84
C PRO A 2 29.24 32.02 -15.12
N ASN A 3 30.41 31.53 -15.51
CA ASN A 3 30.53 30.73 -16.70
C ASN A 3 30.39 29.26 -16.34
N TYR A 4 29.26 28.67 -16.73
CA TYR A 4 28.96 27.28 -16.44
C TYR A 4 29.12 26.37 -17.64
N LYS A 5 29.76 25.23 -17.42
CA LYS A 5 29.92 24.19 -18.42
C LYS A 5 29.56 22.81 -17.87
N LEU A 6 28.49 22.22 -18.41
CA LEU A 6 28.03 20.89 -17.99
C LEU A 6 28.55 19.81 -18.94
N THR A 7 29.17 18.78 -18.38
CA THR A 7 29.65 17.65 -19.18
C THR A 7 28.93 16.35 -18.82
N TYR A 8 28.40 15.67 -19.84
CA TYR A 8 27.72 14.39 -19.65
C TYR A 8 27.60 13.69 -21.00
N PHE A 9 26.98 12.51 -21.04
CA PHE A 9 26.73 11.83 -22.30
C PHE A 9 25.54 12.47 -23.00
N ASN A 10 25.30 12.08 -24.26
CA ASN A 10 24.15 12.57 -25.02
C ASN A 10 22.96 11.77 -24.53
N MET A 11 22.38 12.23 -23.43
CA MET A 11 21.32 11.48 -22.77
C MET A 11 20.76 12.37 -21.65
N ARG A 12 19.51 12.16 -21.27
CA ARG A 12 18.93 12.91 -20.14
C ARG A 12 19.67 12.39 -18.90
N GLY A 13 19.46 11.12 -18.59
CA GLY A 13 20.15 10.43 -17.51
C GLY A 13 20.28 11.25 -16.25
N ARG A 14 21.47 11.24 -15.66
CA ARG A 14 21.74 11.92 -14.40
C ARG A 14 22.04 13.43 -14.52
N ALA A 15 22.17 13.93 -15.74
CA ALA A 15 22.42 15.34 -15.90
C ALA A 15 21.14 16.14 -16.09
N GLU A 16 20.06 15.48 -16.49
CA GLU A 16 18.81 16.20 -16.81
C GLU A 16 18.29 17.13 -15.70
N ILE A 17 18.40 16.69 -14.44
CA ILE A 17 17.93 17.53 -13.31
C ILE A 17 18.66 18.87 -13.30
N ILE A 18 19.96 18.85 -13.60
CA ILE A 18 20.77 20.07 -13.68
C ILE A 18 20.27 20.96 -14.83
N ARG A 19 20.00 20.34 -15.97
CA ARG A 19 19.50 21.02 -17.17
C ARG A 19 18.16 21.72 -16.92
N TYR A 20 17.26 21.07 -16.19
CA TYR A 20 15.96 21.67 -15.83
C TYR A 20 16.14 22.87 -14.92
N ILE A 21 17.05 22.74 -13.95
CA ILE A 21 17.33 23.81 -13.01
C ILE A 21 17.90 25.04 -13.73
N PHE A 22 18.87 24.83 -14.62
CA PHE A 22 19.43 25.97 -15.37
C PHE A 22 18.31 26.65 -16.16
N ALA A 23 17.53 25.84 -16.88
CA ALA A 23 16.40 26.34 -17.68
C ALA A 23 15.44 27.17 -16.83
N TYR A 24 15.00 26.62 -15.70
CA TYR A 24 14.04 27.27 -14.82
C TYR A 24 14.55 28.58 -14.24
N LEU A 25 15.82 28.58 -13.82
CA LEU A 25 16.42 29.78 -13.24
C LEU A 25 16.93 30.79 -14.27
N ASP A 26 16.76 30.46 -15.56
CA ASP A 26 17.21 31.33 -16.66
C ASP A 26 18.72 31.63 -16.54
N ILE A 27 19.48 30.56 -16.33
CA ILE A 27 20.94 30.63 -16.20
C ILE A 27 21.55 29.99 -17.44
N GLN A 28 22.40 30.74 -18.13
CA GLN A 28 23.04 30.23 -19.36
C GLN A 28 24.23 29.34 -19.01
N TYR A 29 24.41 28.29 -19.81
CA TYR A 29 25.51 27.35 -19.62
C TYR A 29 25.77 26.62 -20.91
N GLU A 30 26.96 26.03 -21.02
CA GLU A 30 27.29 25.23 -22.18
C GLU A 30 26.91 23.81 -21.88
N ASP A 31 26.05 23.24 -22.72
CA ASP A 31 25.58 21.88 -22.54
C ASP A 31 26.46 20.94 -23.36
N HIS A 32 27.60 20.55 -22.78
CA HIS A 32 28.54 19.68 -23.48
C HIS A 32 28.18 18.19 -23.38
N ARG A 33 27.91 17.59 -24.53
CA ARG A 33 27.57 16.18 -24.62
C ARG A 33 28.70 15.47 -25.34
N ILE A 34 29.19 14.38 -24.73
CA ILE A 34 30.30 13.64 -25.29
C ILE A 34 29.89 12.28 -25.83
N GLU A 35 30.71 11.75 -26.74
CA GLU A 35 30.54 10.40 -27.25
C GLU A 35 31.56 9.57 -26.50
N GLN A 36 31.30 8.27 -26.34
CA GLN A 36 32.20 7.39 -25.59
C GLN A 36 33.70 7.55 -25.91
N ALA A 37 34.03 7.77 -27.18
CA ALA A 37 35.43 7.95 -27.60
C ALA A 37 36.17 9.07 -26.87
N ASP A 38 35.44 10.12 -26.50
CA ASP A 38 36.01 11.26 -25.76
C ASP A 38 36.18 10.95 -24.27
N TRP A 39 35.46 9.94 -23.79
CA TRP A 39 35.39 9.60 -22.36
C TRP A 39 36.72 9.23 -21.64
N PRO A 40 37.42 8.16 -22.09
CA PRO A 40 38.69 7.81 -21.45
C PRO A 40 39.60 9.00 -21.13
N GLU A 41 39.76 9.92 -22.07
CA GLU A 41 40.61 11.10 -21.83
C GLU A 41 40.02 12.06 -20.81
N ILE A 42 38.72 12.34 -20.92
CA ILE A 42 38.05 13.23 -19.97
C ILE A 42 38.14 12.62 -18.57
N LYS A 43 37.78 11.34 -18.50
CA LYS A 43 37.74 10.56 -17.27
C LYS A 43 39.03 10.67 -16.45
N SER A 44 40.16 10.48 -17.13
CA SER A 44 41.48 10.53 -16.50
C SER A 44 41.80 11.88 -15.85
N THR A 45 41.12 12.95 -16.27
CA THR A 45 41.37 14.27 -15.69
C THR A 45 40.52 14.51 -14.46
N LEU A 46 39.53 13.64 -14.26
CA LEU A 46 38.56 13.79 -13.17
C LEU A 46 38.93 13.08 -11.86
N PRO A 47 38.97 13.84 -10.76
CA PRO A 47 39.26 13.33 -9.41
C PRO A 47 38.51 12.04 -9.03
N PHE A 48 37.24 11.91 -9.43
CA PHE A 48 36.44 10.72 -9.09
C PHE A 48 35.98 9.93 -10.31
N GLY A 49 36.40 10.38 -11.49
CA GLY A 49 36.17 9.70 -12.76
C GLY A 49 34.75 9.39 -13.17
N LYS A 50 33.80 10.21 -12.75
CA LYS A 50 32.41 10.00 -13.11
C LYS A 50 31.78 11.28 -13.64
N ILE A 51 30.75 11.12 -14.45
CA ILE A 51 29.98 12.27 -14.95
C ILE A 51 28.53 12.10 -14.52
N PRO A 52 27.77 13.21 -14.45
CA PRO A 52 28.13 14.58 -14.81
C PRO A 52 29.09 15.35 -13.91
N ILE A 53 29.75 16.34 -14.51
CA ILE A 53 30.56 17.32 -13.80
C ILE A 53 30.09 18.68 -14.26
N LEU A 54 30.31 19.69 -13.44
CA LEU A 54 29.97 21.05 -13.80
C LEU A 54 31.19 21.87 -13.48
N GLU A 55 31.67 22.60 -14.50
CA GLU A 55 32.79 23.52 -14.34
C GLU A 55 32.21 24.92 -14.18
N VAL A 56 32.56 25.58 -13.07
CA VAL A 56 32.09 26.92 -12.76
C VAL A 56 33.29 27.85 -12.73
N ASP A 57 33.39 28.71 -13.74
CA ASP A 57 34.55 29.59 -13.87
C ASP A 57 35.84 28.79 -13.75
N GLY A 58 35.86 27.63 -14.41
CA GLY A 58 37.05 26.77 -14.40
C GLY A 58 37.18 25.74 -13.29
N LEU A 59 36.47 25.96 -12.18
CA LEU A 59 36.48 25.03 -11.03
C LEU A 59 35.48 23.91 -11.26
N THR A 60 35.94 22.67 -11.13
CA THR A 60 35.10 21.51 -11.41
C THR A 60 34.35 20.95 -10.20
N LEU A 61 33.03 20.79 -10.38
CA LEU A 61 32.14 20.22 -9.37
C LEU A 61 31.66 18.87 -9.91
N HIS A 62 31.30 17.95 -9.01
CA HIS A 62 30.83 16.63 -9.40
C HIS A 62 29.65 16.23 -8.51
N GLN A 63 29.04 15.07 -8.82
CA GLN A 63 27.87 14.55 -8.10
C GLN A 63 26.63 15.34 -8.51
N SER A 64 25.84 14.75 -9.40
CA SER A 64 24.68 15.44 -9.99
C SER A 64 23.73 16.09 -9.00
N LEU A 65 23.41 15.41 -7.90
CA LEU A 65 22.45 15.95 -6.94
C LEU A 65 23.08 17.00 -6.07
N ALA A 66 24.36 16.82 -5.78
CA ALA A 66 25.12 17.80 -5.04
C ALA A 66 25.13 19.09 -5.86
N ILE A 67 25.33 18.94 -7.17
CA ILE A 67 25.33 20.08 -8.08
C ILE A 67 23.94 20.71 -8.14
N ALA A 68 22.91 19.88 -8.28
CA ALA A 68 21.53 20.39 -8.35
C ALA A 68 21.20 21.22 -7.13
N ARG A 69 21.58 20.73 -5.94
CA ARG A 69 21.27 21.46 -4.71
C ARG A 69 21.98 22.81 -4.68
N TYR A 70 23.25 22.79 -5.07
CA TYR A 70 24.08 23.97 -5.16
C TYR A 70 23.44 25.05 -6.06
N LEU A 71 22.90 24.62 -7.19
CA LEU A 71 22.25 25.56 -8.12
C LEU A 71 20.94 26.17 -7.61
N THR A 72 20.22 25.42 -6.77
CA THR A 72 18.95 25.90 -6.21
C THR A 72 19.13 26.72 -4.95
N LYS A 73 20.38 26.78 -4.46
CA LYS A 73 20.75 27.54 -3.27
C LYS A 73 20.14 28.93 -3.27
N ASN A 74 19.43 29.28 -2.20
CA ASN A 74 18.82 30.60 -2.04
C ASN A 74 17.74 30.95 -3.06
N THR A 75 17.13 29.93 -3.67
CA THR A 75 16.04 30.12 -4.62
C THR A 75 14.82 29.41 -4.04
N ASP A 76 13.63 29.70 -4.56
CA ASP A 76 12.41 29.02 -4.10
C ASP A 76 12.38 27.54 -4.47
N LEU A 77 13.13 27.16 -5.51
CA LEU A 77 13.22 25.76 -5.94
C LEU A 77 13.78 24.81 -4.87
N ALA A 78 14.56 25.36 -3.93
CA ALA A 78 15.19 24.54 -2.90
C ALA A 78 14.22 24.09 -1.80
N GLY A 79 13.15 24.84 -1.61
CA GLY A 79 12.22 24.63 -0.52
C GLY A 79 12.24 25.97 0.21
N ASN A 80 11.09 26.37 0.73
CA ASN A 80 10.90 27.68 1.36
C ASN A 80 11.48 27.87 2.79
N THR A 81 11.70 26.76 3.50
CA THR A 81 12.26 26.77 4.85
C THR A 81 13.29 25.66 4.93
N GLU A 82 14.08 25.60 6.01
CA GLU A 82 15.06 24.53 6.16
C GLU A 82 14.32 23.19 6.29
N MET A 83 13.14 23.22 6.90
CA MET A 83 12.36 22.01 7.04
C MET A 83 11.85 21.52 5.68
N GLU A 84 11.31 22.44 4.86
CA GLU A 84 10.85 22.04 3.53
C GLU A 84 12.02 21.56 2.68
N GLN A 85 13.19 22.20 2.83
CA GLN A 85 14.39 21.77 2.12
C GLN A 85 14.73 20.31 2.51
N CYS A 86 14.46 19.95 3.76
CA CYS A 86 14.70 18.58 4.23
C CYS A 86 13.76 17.62 3.50
N HIS A 87 12.47 17.96 3.41
CA HIS A 87 11.50 17.12 2.69
C HIS A 87 11.88 17.02 1.20
N VAL A 88 12.25 18.16 0.60
CA VAL A 88 12.72 18.17 -0.79
C VAL A 88 13.90 17.21 -0.98
N ASP A 89 14.95 17.36 -0.16
CA ASP A 89 16.12 16.47 -0.24
C ASP A 89 15.73 15.00 -0.07
N ALA A 90 14.82 14.73 0.86
CA ALA A 90 14.39 13.37 1.15
C ALA A 90 13.66 12.73 -0.02
N ILE A 91 12.75 13.49 -0.64
CA ILE A 91 12.00 12.98 -1.80
C ILE A 91 12.99 12.67 -2.94
N VAL A 92 13.93 13.59 -3.16
CA VAL A 92 14.96 13.40 -4.20
C VAL A 92 15.75 12.11 -3.94
N ASP A 93 16.19 11.93 -2.70
CA ASP A 93 16.93 10.73 -2.29
C ASP A 93 16.13 9.43 -2.48
N THR A 94 14.84 9.47 -2.17
CA THR A 94 13.94 8.33 -2.29
C THR A 94 13.81 7.92 -3.75
N LEU A 95 13.64 8.91 -4.62
CA LEU A 95 13.58 8.66 -6.05
C LEU A 95 14.94 8.13 -6.55
N ASP A 96 16.04 8.71 -6.08
CA ASP A 96 17.37 8.29 -6.54
C ASP A 96 17.68 6.86 -6.11
N ASP A 97 17.35 6.55 -4.86
CA ASP A 97 17.48 5.19 -4.30
C ASP A 97 16.81 4.19 -5.25
N PHE A 98 15.57 4.51 -5.66
CA PHE A 98 14.86 3.61 -6.56
C PHE A 98 15.47 3.49 -7.97
N MET A 99 15.84 4.62 -8.58
CA MET A 99 16.44 4.60 -9.92
C MET A 99 17.75 3.79 -9.91
N SER A 100 18.50 3.88 -8.82
CA SER A 100 19.77 3.14 -8.66
C SER A 100 19.57 1.62 -8.60
N CYS A 101 18.33 1.16 -8.41
CA CYS A 101 18.06 -0.27 -8.42
C CYS A 101 18.18 -0.89 -9.81
N PHE A 102 17.95 -0.09 -10.85
CA PHE A 102 17.97 -0.60 -12.21
C PHE A 102 19.38 -0.91 -12.73
N PRO A 103 19.57 -2.12 -13.31
CA PRO A 103 20.88 -2.53 -13.87
C PRO A 103 21.11 -1.88 -15.21
N TRP A 104 21.32 -0.57 -15.17
CA TRP A 104 21.51 0.22 -16.38
C TRP A 104 22.64 -0.23 -17.29
N ALA A 105 23.69 -0.80 -16.73
CA ALA A 105 24.86 -1.19 -17.51
C ALA A 105 24.96 -2.70 -17.76
N GLU A 106 23.90 -3.44 -17.42
CA GLU A 106 23.89 -4.88 -17.58
C GLU A 106 24.08 -5.28 -19.03
N LYS A 107 25.06 -6.15 -19.27
CA LYS A 107 25.39 -6.58 -20.64
C LYS A 107 24.58 -7.78 -21.13
N LYS A 108 24.06 -8.59 -20.22
CA LYS A 108 23.23 -9.72 -20.64
C LYS A 108 21.80 -9.16 -20.80
N GLN A 109 21.36 -9.03 -22.05
CA GLN A 109 20.04 -8.45 -22.36
C GLN A 109 18.86 -9.14 -21.71
N ASP A 110 18.94 -10.47 -21.56
CA ASP A 110 17.87 -11.22 -20.92
C ASP A 110 17.81 -10.94 -19.40
N VAL A 111 18.97 -10.86 -18.77
CA VAL A 111 19.07 -10.54 -17.34
C VAL A 111 18.52 -9.12 -17.11
N LYS A 112 18.91 -8.19 -17.97
CA LYS A 112 18.47 -6.81 -17.87
C LYS A 112 16.94 -6.75 -17.95
N GLU A 113 16.38 -7.41 -18.98
CA GLU A 113 14.94 -7.46 -19.18
C GLU A 113 14.23 -8.05 -17.96
N GLN A 114 14.72 -9.19 -17.47
CA GLN A 114 14.16 -9.85 -16.28
C GLN A 114 14.22 -8.96 -15.03
N MET A 115 15.34 -8.30 -14.81
CA MET A 115 15.46 -7.42 -13.62
C MET A 115 14.55 -6.18 -13.73
N PHE A 116 14.52 -5.55 -14.90
CA PHE A 116 13.64 -4.40 -15.16
C PHE A 116 12.20 -4.80 -14.88
N ASN A 117 11.79 -5.94 -15.43
CA ASN A 117 10.43 -6.43 -15.22
C ASN A 117 10.07 -6.67 -13.75
N GLU A 118 10.98 -7.28 -13.00
CA GLU A 118 10.75 -7.53 -11.57
C GLU A 118 10.61 -6.20 -10.81
N LEU A 119 11.51 -5.26 -11.10
CA LEU A 119 11.49 -3.95 -10.45
C LEU A 119 10.23 -3.16 -10.80
N LEU A 120 9.79 -3.27 -12.05
CA LEU A 120 8.63 -2.51 -12.53
C LEU A 120 7.30 -3.16 -12.12
N THR A 121 7.34 -4.45 -11.80
CA THR A 121 6.14 -5.18 -11.38
C THR A 121 5.91 -5.08 -9.87
N TYR A 122 7.00 -5.13 -9.11
CA TYR A 122 6.88 -5.13 -7.65
C TYR A 122 7.25 -3.81 -6.98
N ASN A 123 8.50 -3.43 -7.13
CA ASN A 123 9.01 -2.23 -6.45
C ASN A 123 8.37 -0.91 -6.91
N ALA A 124 8.27 -0.72 -8.22
CA ALA A 124 7.75 0.53 -8.77
C ALA A 124 6.33 0.87 -8.31
N PRO A 125 5.38 -0.09 -8.46
CA PRO A 125 4.01 0.15 -7.95
C PRO A 125 3.99 0.43 -6.44
N HIS A 126 4.86 -0.20 -5.67
CA HIS A 126 4.92 0.09 -4.24
C HIS A 126 5.32 1.55 -4.01
N LEU A 127 6.38 1.97 -4.69
CA LEU A 127 6.86 3.35 -4.57
C LEU A 127 5.83 4.36 -5.07
N MET A 128 5.14 4.03 -6.16
CA MET A 128 4.12 4.93 -6.71
C MET A 128 3.01 5.18 -5.69
N GLN A 129 2.62 4.14 -4.96
CA GLN A 129 1.56 4.29 -3.97
C GLN A 129 2.03 5.14 -2.81
N ASP A 130 3.30 4.97 -2.42
CA ASP A 130 3.91 5.76 -1.36
C ASP A 130 3.97 7.23 -1.78
N LEU A 131 4.41 7.47 -3.02
CA LEU A 131 4.51 8.83 -3.57
C LEU A 131 3.15 9.48 -3.71
N ASP A 132 2.20 8.71 -4.25
CA ASP A 132 0.85 9.20 -4.49
C ASP A 132 0.24 9.64 -3.16
N THR A 133 0.34 8.80 -2.13
CA THR A 133 -0.25 9.17 -0.84
C THR A 133 0.50 10.32 -0.16
N TYR A 134 1.81 10.42 -0.38
CA TYR A 134 2.60 11.53 0.17
C TYR A 134 2.19 12.87 -0.45
N LEU A 135 1.96 12.86 -1.77
CA LEU A 135 1.48 14.05 -2.47
C LEU A 135 0.05 14.39 -2.06
N GLY A 136 -0.78 13.35 -1.91
CA GLY A 136 -2.20 13.55 -1.56
C GLY A 136 -2.83 14.38 -2.66
N GLY A 137 -3.76 15.25 -2.28
CA GLY A 137 -4.44 16.14 -3.22
C GLY A 137 -3.74 17.48 -3.32
N ARG A 138 -2.49 17.55 -2.86
CA ARG A 138 -1.75 18.81 -2.89
C ARG A 138 -1.22 19.16 -4.28
N GLU A 139 -0.84 20.41 -4.44
CA GLU A 139 -0.38 20.93 -5.73
C GLU A 139 1.00 20.40 -6.13
N TRP A 140 1.94 20.43 -5.19
CA TRP A 140 3.32 20.01 -5.42
C TRP A 140 3.76 19.07 -4.29
N LEU A 141 4.87 18.37 -4.50
CA LEU A 141 5.34 17.40 -3.50
C LEU A 141 5.64 18.05 -2.16
N ILE A 142 6.29 19.21 -2.19
CA ILE A 142 6.63 19.91 -0.97
C ILE A 142 6.14 21.36 -1.00
N GLY A 143 5.46 21.76 0.07
CA GLY A 143 5.02 23.14 0.24
C GLY A 143 3.99 23.55 -0.77
N ASN A 144 3.95 24.85 -1.08
CA ASN A 144 2.92 25.33 -2.00
C ASN A 144 3.41 25.85 -3.34
N SER A 145 4.70 25.65 -3.63
CA SER A 145 5.29 26.03 -4.91
C SER A 145 6.23 24.93 -5.40
N VAL A 146 6.52 24.96 -6.70
CA VAL A 146 7.39 23.94 -7.31
C VAL A 146 8.78 23.92 -6.67
N THR A 147 9.34 22.72 -6.53
CA THR A 147 10.69 22.56 -6.01
C THR A 147 11.41 21.63 -6.98
N TRP A 148 12.73 21.49 -6.84
CA TRP A 148 13.44 20.59 -7.72
C TRP A 148 13.08 19.12 -7.47
N ALA A 149 12.35 18.84 -6.38
CA ALA A 149 11.88 17.48 -6.15
C ALA A 149 10.80 17.13 -7.16
N ASP A 150 9.94 18.10 -7.50
CA ASP A 150 8.93 17.86 -8.53
C ASP A 150 9.61 17.62 -9.89
N PHE A 151 10.64 18.41 -10.16
CA PHE A 151 11.44 18.27 -11.37
C PHE A 151 12.00 16.86 -11.42
N TYR A 152 12.62 16.42 -10.31
CA TYR A 152 13.22 15.08 -10.27
C TYR A 152 12.17 13.98 -10.46
N TRP A 153 10.98 14.19 -9.91
CA TRP A 153 9.89 13.22 -10.12
C TRP A 153 9.55 13.12 -11.61
N GLU A 154 9.38 14.27 -12.26
CA GLU A 154 9.03 14.28 -13.67
C GLU A 154 10.12 13.58 -14.49
N ILE A 155 11.37 13.89 -14.15
CA ILE A 155 12.52 13.30 -14.84
C ILE A 155 12.63 11.79 -14.64
N CYS A 156 12.56 11.33 -13.39
CA CYS A 156 12.64 9.90 -13.12
C CYS A 156 11.49 9.15 -13.78
N SER A 157 10.26 9.66 -13.60
CA SER A 157 9.09 9.01 -14.20
C SER A 157 9.15 8.98 -15.73
N THR A 158 9.67 10.04 -16.37
CA THR A 158 9.83 10.03 -17.83
C THR A 158 10.65 8.80 -18.27
N THR A 159 11.70 8.50 -17.52
CA THR A 159 12.54 7.33 -17.81
C THR A 159 11.83 6.01 -17.53
N LEU A 160 11.15 5.90 -16.39
CA LEU A 160 10.40 4.68 -16.03
C LEU A 160 9.28 4.38 -17.04
N LEU A 161 8.63 5.44 -17.53
CA LEU A 161 7.53 5.29 -18.53
C LEU A 161 8.00 4.71 -19.86
N VAL A 162 9.25 4.94 -20.22
CA VAL A 162 9.85 4.34 -21.42
C VAL A 162 9.76 2.80 -21.35
N PHE A 163 9.91 2.27 -20.14
CA PHE A 163 9.90 0.82 -19.92
C PHE A 163 8.56 0.20 -19.47
N LYS A 164 7.72 0.99 -18.80
CA LYS A 164 6.40 0.52 -18.37
C LYS A 164 5.38 1.65 -18.58
N PRO A 165 4.95 1.87 -19.84
CA PRO A 165 3.99 2.93 -20.21
C PRO A 165 2.75 3.04 -19.33
N ASP A 166 2.29 1.93 -18.75
CA ASP A 166 1.09 1.98 -17.91
C ASP A 166 1.37 2.18 -16.43
N LEU A 167 2.63 2.47 -16.10
CA LEU A 167 3.02 2.60 -14.70
C LEU A 167 2.14 3.58 -13.91
N LEU A 168 1.76 4.68 -14.54
CA LEU A 168 0.95 5.66 -13.82
C LEU A 168 -0.53 5.62 -14.17
N ASP A 169 -0.95 4.57 -14.86
CA ASP A 169 -2.35 4.41 -15.27
C ASP A 169 -3.37 4.41 -14.12
N ASN A 170 -2.93 4.02 -12.93
CA ASN A 170 -3.78 4.06 -11.75
C ASN A 170 -3.36 5.17 -10.78
N HIS A 171 -2.52 6.09 -11.27
CA HIS A 171 -2.06 7.20 -10.44
C HIS A 171 -2.27 8.56 -11.14
N PRO A 172 -3.54 8.95 -11.39
CA PRO A 172 -3.77 10.24 -12.08
C PRO A 172 -3.17 11.46 -11.37
N ARG A 173 -3.08 11.43 -10.04
CA ARG A 173 -2.48 12.54 -9.31
C ARG A 173 -1.00 12.71 -9.64
N LEU A 174 -0.32 11.59 -9.89
CA LEU A 174 1.11 11.60 -10.25
C LEU A 174 1.30 12.02 -11.70
N VAL A 175 0.31 11.71 -12.54
CA VAL A 175 0.31 12.15 -13.94
C VAL A 175 0.14 13.66 -13.95
N THR A 176 -0.82 14.14 -13.16
CA THR A 176 -1.11 15.57 -13.03
C THR A 176 0.13 16.34 -12.55
N LEU A 177 0.90 15.74 -11.67
CA LEU A 177 2.15 16.38 -11.23
C LEU A 177 3.13 16.48 -12.39
N ARG A 178 3.25 15.41 -13.18
CA ARG A 178 4.13 15.45 -14.36
C ARG A 178 3.71 16.56 -15.32
N LYS A 179 2.41 16.66 -15.58
CA LYS A 179 1.90 17.69 -16.50
C LYS A 179 2.16 19.09 -15.98
N LYS A 180 2.04 19.29 -14.66
CA LYS A 180 2.28 20.62 -14.10
C LYS A 180 3.72 21.04 -14.22
N VAL A 181 4.64 20.09 -14.06
CA VAL A 181 6.06 20.41 -14.20
C VAL A 181 6.38 20.73 -15.67
N GLN A 182 5.90 19.86 -16.56
CA GLN A 182 6.15 20.03 -18.01
C GLN A 182 5.61 21.34 -18.57
N ALA A 183 4.53 21.84 -17.97
CA ALA A 183 3.87 23.09 -18.42
C ALA A 183 4.51 24.37 -17.93
N ILE A 184 5.44 24.30 -16.98
CA ILE A 184 6.17 25.48 -16.52
C ILE A 184 6.87 25.98 -17.78
N PRO A 185 6.64 27.26 -18.17
CA PRO A 185 7.19 27.75 -19.47
C PRO A 185 8.66 27.44 -19.75
N ALA A 186 9.54 27.64 -18.77
CA ALA A 186 10.97 27.38 -18.97
C ALA A 186 11.23 25.91 -19.18
N VAL A 187 10.44 25.06 -18.52
CA VAL A 187 10.58 23.62 -18.67
C VAL A 187 10.00 23.17 -20.00
N ALA A 188 8.81 23.67 -20.34
CA ALA A 188 8.18 23.37 -21.62
C ALA A 188 9.11 23.68 -22.79
N ASN A 189 9.75 24.84 -22.74
CA ASN A 189 10.71 25.29 -23.75
C ASN A 189 11.88 24.33 -23.87
N TRP A 190 12.45 23.99 -22.72
CA TRP A 190 13.58 23.06 -22.65
C TRP A 190 13.23 21.69 -23.23
N ILE A 191 12.08 21.14 -22.84
CA ILE A 191 11.64 19.84 -23.33
C ILE A 191 11.47 19.81 -24.86
N LYS A 192 11.11 20.96 -25.44
CA LYS A 192 10.90 21.07 -26.86
C LYS A 192 12.24 21.11 -27.62
N ARG A 193 13.21 21.85 -27.10
CA ARG A 193 14.50 22.03 -27.79
C ARG A 193 15.62 21.03 -27.46
N ARG A 194 15.48 20.29 -26.36
CA ARG A 194 16.51 19.32 -25.98
C ARG A 194 16.72 18.20 -27.01
N PRO A 195 17.97 17.73 -27.16
CA PRO A 195 18.20 16.57 -28.02
C PRO A 195 17.31 15.41 -27.63
N GLN A 196 16.73 14.72 -28.62
CA GLN A 196 15.85 13.59 -28.35
C GLN A 196 16.69 12.32 -28.21
N THR A 197 16.58 11.68 -27.05
CA THR A 197 17.30 10.46 -26.73
C THR A 197 16.36 9.54 -25.98
N LYS A 198 16.63 8.23 -26.03
CA LYS A 198 15.77 7.28 -25.32
C LYS A 198 15.83 7.50 -23.81
N LEU A 199 17.04 7.67 -23.29
CA LEU A 199 17.26 7.82 -21.85
C LEU A 199 17.78 9.19 -21.44
N PRO B 2 13.45 22.09 20.22
CA PRO B 2 12.62 21.01 19.69
C PRO B 2 12.93 19.67 20.33
N ASN B 3 11.97 18.75 20.32
CA ASN B 3 12.23 17.43 20.89
C ASN B 3 12.53 16.44 19.77
N TYR B 4 13.73 15.87 19.81
CA TYR B 4 14.19 14.95 18.78
C TYR B 4 14.18 13.50 19.19
N LYS B 5 13.59 12.66 18.34
CA LYS B 5 13.58 11.21 18.53
C LYS B 5 14.04 10.54 17.23
N LEU B 6 15.22 9.91 17.30
CA LEU B 6 15.81 9.17 16.17
C LEU B 6 15.49 7.69 16.30
N THR B 7 14.95 7.09 15.24
CA THR B 7 14.64 5.66 15.22
C THR B 7 15.47 4.94 14.16
N TYR B 8 16.15 3.87 14.61
CA TYR B 8 16.96 3.05 13.72
C TYR B 8 17.18 1.71 14.40
N PHE B 9 17.91 0.83 13.74
CA PHE B 9 18.29 -0.44 14.33
C PHE B 9 19.37 -0.18 15.38
N ASN B 10 19.73 -1.21 16.15
CA ASN B 10 20.79 -1.05 17.13
C ASN B 10 22.12 -1.25 16.41
N MET B 11 22.55 -0.20 15.72
CA MET B 11 23.81 -0.21 14.98
C MET B 11 24.15 1.21 14.57
N ARG B 12 25.39 1.40 14.15
CA ARG B 12 25.80 2.70 13.66
C ARG B 12 25.07 2.90 12.34
N GLY B 13 25.37 2.03 11.37
CA GLY B 13 24.73 2.05 10.05
C GLY B 13 24.51 3.44 9.48
N ARG B 14 23.33 3.66 8.93
CA ARG B 14 23.02 4.93 8.27
C ARG B 14 22.60 6.04 9.24
N ALA B 15 22.34 5.68 10.50
CA ALA B 15 21.95 6.71 11.48
C ALA B 15 23.12 7.38 12.17
N GLU B 16 24.29 6.74 12.10
CA GLU B 16 25.47 7.23 12.84
C GLU B 16 25.86 8.67 12.50
N ILE B 17 25.79 9.05 11.22
CA ILE B 17 26.09 10.44 10.84
C ILE B 17 25.20 11.45 11.60
N ILE B 18 23.93 11.08 11.79
CA ILE B 18 22.98 11.91 12.54
C ILE B 18 23.42 11.96 14.01
N ARG B 19 23.81 10.81 14.56
CA ARG B 19 24.26 10.77 15.95
C ARG B 19 25.54 11.63 16.18
N TYR B 20 26.49 11.62 15.25
CA TYR B 20 27.69 12.49 15.38
C TYR B 20 27.34 13.97 15.34
N ILE B 21 26.34 14.31 14.51
CA ILE B 21 25.91 15.69 14.34
C ILE B 21 25.23 16.18 15.62
N PHE B 22 24.37 15.35 16.21
CA PHE B 22 23.74 15.73 17.48
C PHE B 22 24.80 15.95 18.55
N ALA B 23 25.75 15.02 18.64
CA ALA B 23 26.87 15.11 19.59
C ALA B 23 27.67 16.40 19.41
N TYR B 24 28.15 16.62 18.18
CA TYR B 24 28.95 17.82 17.88
C TYR B 24 28.24 19.13 18.26
N LEU B 25 26.96 19.23 17.88
CA LEU B 25 26.16 20.44 18.13
C LEU B 25 25.58 20.50 19.54
N ASP B 26 25.88 19.49 20.35
CA ASP B 26 25.42 19.38 21.74
C ASP B 26 23.90 19.48 21.83
N ILE B 27 23.23 18.67 21.03
CA ILE B 27 21.77 18.61 21.02
C ILE B 27 21.31 17.30 21.63
N GLN B 28 20.48 17.39 22.66
CA GLN B 28 19.95 16.18 23.32
C GLN B 28 18.85 15.58 22.45
N TYR B 29 18.78 14.25 22.41
CA TYR B 29 17.76 13.56 21.61
C TYR B 29 17.54 12.15 22.15
N GLU B 30 16.40 11.57 21.82
CA GLU B 30 16.16 10.18 22.20
C GLU B 30 16.74 9.32 21.09
N ASP B 31 17.70 8.46 21.47
CA ASP B 31 18.35 7.53 20.53
C ASP B 31 17.57 6.21 20.58
N HIS B 32 16.47 6.14 19.83
CA HIS B 32 15.63 4.94 19.85
C HIS B 32 16.14 3.85 18.92
N ARG B 33 16.44 2.68 19.49
CA ARG B 33 16.96 1.54 18.74
C ARG B 33 16.01 0.36 18.81
N ILE B 34 15.57 -0.11 17.64
CA ILE B 34 14.59 -1.19 17.58
C ILE B 34 15.16 -2.56 17.27
N GLU B 35 14.44 -3.61 17.69
CA GLU B 35 14.82 -4.98 17.39
C GLU B 35 14.19 -5.32 16.04
N GLN B 36 14.82 -6.23 15.31
CA GLN B 36 14.33 -6.67 14.01
C GLN B 36 12.85 -7.07 14.07
N ALA B 37 12.50 -7.96 15.00
CA ALA B 37 11.14 -8.48 15.09
C ALA B 37 10.03 -7.43 15.07
N ASP B 38 10.31 -6.25 15.63
CA ASP B 38 9.36 -5.13 15.73
C ASP B 38 9.36 -4.17 14.53
N TRP B 39 10.31 -4.37 13.62
CA TRP B 39 10.44 -3.54 12.43
C TRP B 39 9.22 -3.62 11.47
N PRO B 40 8.81 -4.84 11.03
CA PRO B 40 7.65 -4.88 10.13
C PRO B 40 6.43 -4.05 10.59
N GLU B 41 6.24 -3.93 11.90
CA GLU B 41 5.12 -3.18 12.46
C GLU B 41 5.29 -1.68 12.31
N ILE B 42 6.49 -1.19 12.60
CA ILE B 42 6.80 0.23 12.47
C ILE B 42 6.87 0.62 10.97
N LYS B 43 7.44 -0.26 10.15
CA LYS B 43 7.56 -0.05 8.71
C LYS B 43 6.20 0.26 8.03
N SER B 44 5.17 -0.47 8.47
CA SER B 44 3.82 -0.32 7.92
C SER B 44 3.19 1.05 8.18
N THR B 45 3.69 1.77 9.18
CA THR B 45 3.14 3.08 9.52
C THR B 45 3.91 4.24 8.90
N LEU B 46 5.03 3.93 8.26
CA LEU B 46 5.90 4.97 7.67
C LEU B 46 5.58 5.29 6.22
N PRO B 47 5.46 6.59 5.91
CA PRO B 47 5.21 7.06 4.54
C PRO B 47 6.07 6.36 3.47
N PHE B 48 7.36 6.09 3.77
CA PHE B 48 8.27 5.46 2.81
C PHE B 48 8.91 4.16 3.27
N GLY B 49 8.49 3.68 4.43
CA GLY B 49 8.90 2.38 4.97
C GLY B 49 10.37 2.12 5.19
N LYS B 50 11.15 3.17 5.43
CA LYS B 50 12.58 2.99 5.68
C LYS B 50 13.06 3.76 6.90
N ILE B 51 14.17 3.29 7.46
CA ILE B 51 14.80 3.96 8.59
C ILE B 51 16.28 4.23 8.23
N PRO B 52 16.90 5.25 8.85
CA PRO B 52 16.38 6.06 9.97
C PRO B 52 15.30 7.08 9.65
N ILE B 53 14.58 7.46 10.71
CA ILE B 53 13.61 8.52 10.65
C ILE B 53 13.96 9.38 11.85
N LEU B 54 13.60 10.66 11.78
CA LEU B 54 13.81 11.58 12.88
C LEU B 54 12.51 12.33 13.10
N GLU B 55 11.93 12.15 14.29
CA GLU B 55 10.73 12.86 14.66
C GLU B 55 11.15 14.12 15.40
N VAL B 56 10.71 15.25 14.87
CA VAL B 56 11.01 16.58 15.40
C VAL B 56 9.64 17.15 15.73
N ASP B 57 9.41 17.47 17.01
CA ASP B 57 8.09 17.91 17.45
C ASP B 57 7.12 16.80 16.94
N GLY B 58 6.10 17.15 16.17
CA GLY B 58 5.18 16.13 15.67
C GLY B 58 5.37 15.76 14.21
N LEU B 59 6.57 16.06 13.70
CA LEU B 59 6.90 15.85 12.29
C LEU B 59 7.85 14.66 12.15
N THR B 60 7.63 13.83 11.14
CA THR B 60 8.55 12.76 10.88
C THR B 60 9.41 13.21 9.69
N LEU B 61 10.70 12.92 9.76
CA LEU B 61 11.64 13.21 8.70
C LEU B 61 12.27 11.89 8.33
N HIS B 62 12.68 11.74 7.07
CA HIS B 62 13.30 10.48 6.65
C HIS B 62 14.49 10.79 5.74
N GLN B 63 15.20 9.73 5.35
CA GLN B 63 16.42 9.83 4.53
C GLN B 63 17.55 10.40 5.35
N SER B 64 18.49 9.54 5.74
CA SER B 64 19.61 9.91 6.62
C SER B 64 20.40 11.17 6.23
N LEU B 65 20.73 11.27 4.96
CA LEU B 65 21.52 12.41 4.48
C LEU B 65 20.70 13.69 4.40
N ALA B 66 19.41 13.54 4.08
CA ALA B 66 18.49 14.70 4.08
C ALA B 66 18.41 15.28 5.51
N ILE B 67 18.38 14.37 6.49
CA ILE B 67 18.33 14.76 7.91
C ILE B 67 19.66 15.41 8.32
N ALA B 68 20.77 14.78 7.94
CA ALA B 68 22.10 15.30 8.24
C ALA B 68 22.27 16.71 7.62
N ARG B 69 21.80 16.89 6.39
CA ARG B 69 21.84 18.18 5.70
C ARG B 69 21.02 19.24 6.43
N TYR B 70 19.84 18.85 6.93
CA TYR B 70 18.96 19.75 7.68
C TYR B 70 19.62 20.21 8.99
N LEU B 71 20.14 19.25 9.74
CA LEU B 71 20.74 19.54 11.04
C LEU B 71 22.01 20.37 10.99
N THR B 72 22.74 20.29 9.88
CA THR B 72 24.01 21.00 9.70
C THR B 72 23.88 22.35 9.00
N LYS B 73 22.69 22.64 8.49
CA LYS B 73 22.45 23.88 7.77
C LYS B 73 22.66 25.10 8.69
N ASN B 74 23.47 26.04 8.22
CA ASN B 74 23.82 27.25 9.02
C ASN B 74 24.55 26.93 10.33
N THR B 75 25.32 25.84 10.34
CA THR B 75 26.16 25.48 11.47
C THR B 75 27.55 25.48 10.90
N ASP B 76 28.56 25.36 11.77
CA ASP B 76 29.95 25.29 11.33
C ASP B 76 30.31 23.98 10.65
N LEU B 77 29.39 23.01 10.64
CA LEU B 77 29.60 21.73 9.96
C LEU B 77 29.26 21.76 8.47
N ALA B 78 28.60 22.84 8.04
CA ALA B 78 28.31 23.00 6.62
C ALA B 78 29.54 23.66 6.00
N GLY B 79 29.66 23.63 4.68
CA GLY B 79 30.77 24.29 4.01
C GLY B 79 30.76 25.79 4.30
N ASN B 80 31.91 26.44 4.14
CA ASN B 80 32.02 27.89 4.43
C ASN B 80 31.59 28.84 3.31
N THR B 81 31.43 28.29 2.09
CA THR B 81 31.00 29.04 0.92
C THR B 81 29.98 28.18 0.19
N GLU B 82 29.23 28.77 -0.75
CA GLU B 82 28.25 28.00 -1.51
C GLU B 82 28.93 26.83 -2.22
N MET B 83 30.10 27.08 -2.79
CA MET B 83 30.84 26.04 -3.49
C MET B 83 31.39 24.96 -2.56
N GLU B 84 31.90 25.37 -1.39
CA GLU B 84 32.37 24.41 -0.37
C GLU B 84 31.22 23.51 0.07
N GLN B 85 30.02 24.10 0.18
CA GLN B 85 28.83 23.33 0.53
C GLN B 85 28.58 22.25 -0.53
N CYS B 86 28.82 22.60 -1.79
CA CYS B 86 28.63 21.64 -2.88
C CYS B 86 29.64 20.50 -2.73
N HIS B 87 30.90 20.84 -2.47
CA HIS B 87 31.93 19.83 -2.26
C HIS B 87 31.63 18.94 -1.07
N VAL B 88 31.08 19.51 0.01
CA VAL B 88 30.70 18.70 1.17
C VAL B 88 29.67 17.66 0.73
N ASP B 89 28.62 18.13 0.05
CA ASP B 89 27.57 17.24 -0.46
C ASP B 89 28.10 16.19 -1.43
N ALA B 90 29.00 16.58 -2.32
CA ALA B 90 29.58 15.66 -3.32
C ALA B 90 30.44 14.55 -2.71
N ILE B 91 31.27 14.89 -1.74
CA ILE B 91 32.10 13.87 -1.05
C ILE B 91 31.21 12.89 -0.27
N VAL B 92 30.19 13.41 0.41
CA VAL B 92 29.21 12.55 1.11
C VAL B 92 28.53 11.60 0.10
N ASP B 93 28.05 12.15 -1.02
CA ASP B 93 27.40 11.34 -2.05
C ASP B 93 28.31 10.24 -2.64
N THR B 94 29.59 10.57 -2.83
CA THR B 94 30.56 9.57 -3.32
C THR B 94 30.70 8.43 -2.32
N LEU B 95 30.86 8.79 -1.04
CA LEU B 95 30.94 7.79 0.01
C LEU B 95 29.63 7.00 0.09
N ASP B 96 28.48 7.70 0.03
CA ASP B 96 27.17 7.04 0.12
C ASP B 96 26.92 6.08 -1.02
N ASP B 97 27.27 6.51 -2.24
CA ASP B 97 27.13 5.69 -3.46
C ASP B 97 27.85 4.36 -3.28
N PHE B 98 29.01 4.41 -2.65
CA PHE B 98 29.77 3.18 -2.48
C PHE B 98 29.18 2.30 -1.39
N MET B 99 28.84 2.90 -0.25
CA MET B 99 28.31 2.11 0.87
C MET B 99 26.95 1.48 0.51
N SER B 100 26.16 2.18 -0.30
CA SER B 100 24.83 1.65 -0.67
C SER B 100 24.90 0.49 -1.69
N CYS B 101 26.07 0.29 -2.30
CA CYS B 101 26.29 -0.85 -3.20
C CYS B 101 26.29 -2.18 -2.47
N PHE B 102 26.60 -2.16 -1.17
CA PHE B 102 26.63 -3.39 -0.37
C PHE B 102 25.22 -3.97 -0.16
N PRO B 103 25.05 -5.28 -0.40
CA PRO B 103 23.75 -5.91 -0.20
C PRO B 103 23.54 -6.24 1.29
N TRP B 104 23.33 -5.21 2.10
CA TRP B 104 23.20 -5.36 3.54
C TRP B 104 22.03 -6.27 3.94
N ALA B 105 21.01 -6.34 3.09
CA ALA B 105 19.80 -7.09 3.39
C ALA B 105 19.68 -8.43 2.67
N GLU B 106 20.79 -8.88 2.09
CA GLU B 106 20.83 -10.14 1.36
C GLU B 106 20.70 -11.30 2.34
N LYS B 107 19.69 -12.14 2.13
CA LYS B 107 19.47 -13.27 3.03
C LYS B 107 20.32 -14.50 2.72
N LYS B 108 20.71 -14.68 1.45
CA LYS B 108 21.61 -15.77 1.06
C LYS B 108 23.02 -15.40 1.50
N GLN B 109 23.49 -16.06 2.55
CA GLN B 109 24.79 -15.74 3.14
C GLN B 109 25.98 -15.85 2.18
N ASP B 110 26.00 -16.92 1.38
CA ASP B 110 27.07 -17.15 0.41
C ASP B 110 27.12 -16.07 -0.66
N VAL B 111 25.95 -15.67 -1.16
CA VAL B 111 25.80 -14.60 -2.15
C VAL B 111 26.24 -13.25 -1.54
N LYS B 112 25.86 -13.04 -0.29
CA LYS B 112 26.18 -11.82 0.43
C LYS B 112 27.69 -11.66 0.63
N GLU B 113 28.32 -12.69 1.19
CA GLU B 113 29.76 -12.67 1.44
C GLU B 113 30.56 -12.44 0.17
N GLN B 114 30.13 -13.09 -0.92
CA GLN B 114 30.75 -12.95 -2.23
C GLN B 114 30.71 -11.50 -2.71
N MET B 115 29.52 -10.90 -2.70
CA MET B 115 29.36 -9.50 -3.13
C MET B 115 30.17 -8.55 -2.25
N PHE B 116 30.14 -8.78 -0.95
CA PHE B 116 30.93 -7.99 -0.02
C PHE B 116 32.42 -8.07 -0.37
N ASN B 117 32.91 -9.31 -0.50
CA ASN B 117 34.31 -9.53 -0.82
C ASN B 117 34.73 -8.84 -2.10
N GLU B 118 33.88 -8.95 -3.12
CA GLU B 118 34.12 -8.33 -4.41
C GLU B 118 34.22 -6.81 -4.33
N LEU B 119 33.23 -6.19 -3.68
CA LEU B 119 33.23 -4.73 -3.50
C LEU B 119 34.45 -4.24 -2.70
N LEU B 120 34.77 -4.93 -1.61
CA LEU B 120 35.91 -4.59 -0.75
C LEU B 120 37.26 -4.81 -1.45
N THR B 121 37.37 -5.88 -2.22
CA THR B 121 38.62 -6.24 -2.86
C THR B 121 38.84 -5.51 -4.17
N TYR B 122 37.78 -5.36 -4.96
CA TYR B 122 37.91 -4.77 -6.30
C TYR B 122 37.60 -3.29 -6.42
N ASN B 123 36.67 -2.78 -5.60
CA ASN B 123 36.26 -1.37 -5.72
C ASN B 123 36.78 -0.44 -4.64
N ALA B 124 36.77 -0.91 -3.39
CA ALA B 124 37.18 -0.07 -2.27
C ALA B 124 38.56 0.58 -2.41
N PRO B 125 39.58 -0.15 -2.89
CA PRO B 125 40.90 0.47 -3.04
C PRO B 125 40.94 1.70 -3.96
N HIS B 126 40.13 1.70 -5.02
CA HIS B 126 40.09 2.84 -5.92
C HIS B 126 39.46 4.08 -5.28
N LEU B 127 38.40 3.87 -4.49
CA LEU B 127 37.77 4.97 -3.77
C LEU B 127 38.78 5.59 -2.80
N MET B 128 39.57 4.72 -2.16
CA MET B 128 40.60 5.19 -1.24
C MET B 128 41.61 6.01 -2.01
N GLN B 129 41.99 5.53 -3.20
CA GLN B 129 42.95 6.27 -4.01
C GLN B 129 42.38 7.64 -4.36
N ASP B 130 41.12 7.65 -4.81
CA ASP B 130 40.46 8.90 -5.17
C ASP B 130 40.38 9.89 -4.02
N LEU B 131 40.04 9.39 -2.84
CA LEU B 131 39.92 10.24 -1.66
C LEU B 131 41.27 10.76 -1.20
N ASP B 132 42.27 9.89 -1.27
CA ASP B 132 43.62 10.28 -0.85
C ASP B 132 44.11 11.45 -1.74
N THR B 133 43.99 11.27 -3.03
CA THR B 133 44.40 12.31 -3.98
C THR B 133 43.61 13.60 -3.79
N TYR B 134 42.29 13.48 -3.61
CA TYR B 134 41.43 14.63 -3.38
C TYR B 134 41.82 15.42 -2.13
N LEU B 135 42.11 14.70 -1.03
CA LEU B 135 42.50 15.36 0.20
C LEU B 135 43.81 16.10 0.02
N GLY B 136 44.73 15.49 -0.72
CA GLY B 136 46.05 16.06 -0.95
C GLY B 136 46.72 16.24 0.39
N GLY B 137 47.07 17.49 0.70
CA GLY B 137 47.75 17.83 1.96
C GLY B 137 46.93 18.68 2.90
N ARG B 138 45.64 18.89 2.58
CA ARG B 138 44.77 19.67 3.44
C ARG B 138 44.51 18.94 4.76
N GLU B 139 44.07 19.70 5.75
CA GLU B 139 43.76 19.18 7.06
C GLU B 139 42.42 18.47 7.04
N TRP B 140 41.46 19.01 6.26
CA TRP B 140 40.12 18.44 6.17
C TRP B 140 39.69 18.23 4.71
N LEU B 141 38.72 17.36 4.49
CA LEU B 141 38.26 17.08 3.12
C LEU B 141 37.81 18.34 2.38
N ILE B 142 37.08 19.21 3.06
CA ILE B 142 36.62 20.47 2.47
C ILE B 142 37.07 21.69 3.29
N GLY B 143 37.81 22.58 2.63
CA GLY B 143 38.19 23.85 3.26
C GLY B 143 39.20 23.75 4.38
N ASN B 144 39.13 24.70 5.31
CA ASN B 144 40.08 24.79 6.43
C ASN B 144 39.55 24.36 7.79
N SER B 145 38.32 23.87 7.83
CA SER B 145 37.73 23.39 9.08
C SER B 145 36.88 22.11 8.84
N VAL B 146 36.63 21.38 9.92
CA VAL B 146 35.87 20.14 9.85
C VAL B 146 34.46 20.40 9.27
N THR B 147 33.97 19.45 8.47
CA THR B 147 32.60 19.48 7.97
C THR B 147 32.01 18.11 8.22
N TRP B 148 30.69 17.97 8.05
CA TRP B 148 30.07 16.68 8.27
C TRP B 148 30.54 15.63 7.25
N ALA B 149 31.24 16.05 6.20
CA ALA B 149 31.82 15.10 5.23
C ALA B 149 32.96 14.35 5.91
N ASP B 150 33.73 15.05 6.74
CA ASP B 150 34.80 14.41 7.51
C ASP B 150 34.21 13.37 8.46
N PHE B 151 33.10 13.72 9.11
CA PHE B 151 32.36 12.80 9.97
C PHE B 151 31.95 11.56 9.18
N TYR B 152 31.38 11.79 7.99
CA TYR B 152 30.90 10.70 7.16
C TYR B 152 32.04 9.81 6.69
N TRP B 153 33.16 10.42 6.32
CA TRP B 153 34.35 9.64 5.98
C TRP B 153 34.76 8.70 7.11
N GLU B 154 34.80 9.23 8.34
CA GLU B 154 35.23 8.49 9.51
C GLU B 154 34.27 7.32 9.80
N ILE B 155 32.97 7.63 9.70
CA ILE B 155 31.91 6.64 9.87
C ILE B 155 31.97 5.53 8.83
N CYS B 156 32.04 5.91 7.55
CA CYS B 156 32.08 4.91 6.48
C CYS B 156 33.35 4.05 6.55
N SER B 157 34.50 4.70 6.74
CA SER B 157 35.77 3.97 6.83
C SER B 157 35.80 2.99 8.02
N THR B 158 35.20 3.38 9.14
CA THR B 158 35.12 2.52 10.33
C THR B 158 34.48 1.18 9.97
N THR B 159 33.36 1.25 9.26
CA THR B 159 32.66 0.04 8.83
C THR B 159 33.48 -0.74 7.79
N LEU B 160 34.08 -0.03 6.84
CA LEU B 160 34.89 -0.70 5.83
C LEU B 160 36.06 -1.45 6.47
N LEU B 161 36.67 -0.85 7.49
CA LEU B 161 37.81 -1.45 8.19
C LEU B 161 37.45 -2.72 9.00
N VAL B 162 36.18 -2.82 9.40
CA VAL B 162 35.68 -4.01 10.05
C VAL B 162 35.88 -5.22 9.11
N PHE B 163 35.55 -5.02 7.84
CA PHE B 163 35.64 -6.10 6.85
C PHE B 163 37.00 -6.24 6.16
N LYS B 164 37.72 -5.13 6.03
CA LYS B 164 39.01 -5.11 5.35
C LYS B 164 39.98 -4.23 6.14
N PRO B 165 40.55 -4.78 7.23
CA PRO B 165 41.45 -4.05 8.13
C PRO B 165 42.65 -3.35 7.48
N ASP B 166 43.14 -3.90 6.38
CA ASP B 166 44.30 -3.37 5.68
C ASP B 166 44.00 -2.26 4.67
N LEU B 167 42.72 -1.88 4.57
CA LEU B 167 42.28 -0.91 3.56
C LEU B 167 43.07 0.40 3.51
N LEU B 168 43.51 0.90 4.66
CA LEU B 168 44.23 2.18 4.71
C LEU B 168 45.75 2.09 4.93
N ASP B 169 46.29 0.88 4.80
CA ASP B 169 47.74 0.68 5.00
C ASP B 169 48.59 1.56 4.08
N ASN B 170 48.12 1.75 2.85
CA ASN B 170 48.86 2.58 1.89
C ASN B 170 48.37 4.04 1.89
N HIS B 171 47.53 4.40 2.86
CA HIS B 171 46.95 5.73 2.92
C HIS B 171 47.06 6.44 4.28
N PRO B 172 48.30 6.69 4.76
CA PRO B 172 48.47 7.35 6.05
C PRO B 172 47.72 8.67 6.22
N ARG B 173 47.64 9.49 5.17
CA ARG B 173 46.92 10.76 5.25
C ARG B 173 45.43 10.56 5.54
N LEU B 174 44.87 9.47 5.02
CA LEU B 174 43.48 9.13 5.30
C LEU B 174 43.33 8.57 6.73
N VAL B 175 44.37 7.89 7.24
CA VAL B 175 44.35 7.41 8.63
C VAL B 175 44.42 8.64 9.54
N THR B 176 45.28 9.59 9.17
CA THR B 176 45.42 10.83 9.96
C THR B 176 44.09 11.58 10.05
N LEU B 177 43.33 11.61 8.96
CA LEU B 177 42.05 12.29 8.95
C LEU B 177 41.04 11.64 9.92
N ARG B 178 40.98 10.31 9.90
CA ARG B 178 40.11 9.58 10.82
C ARG B 178 40.46 9.94 12.25
N LYS B 179 41.76 9.94 12.55
CA LYS B 179 42.23 10.29 13.89
C LYS B 179 41.85 11.71 14.29
N LYS B 180 41.99 12.67 13.36
CA LYS B 180 41.58 14.06 13.61
C LYS B 180 40.10 14.14 14.02
N VAL B 181 39.25 13.49 13.22
CA VAL B 181 37.83 13.45 13.52
C VAL B 181 37.57 12.82 14.90
N GLN B 182 38.20 11.69 15.17
CA GLN B 182 38.01 10.98 16.45
C GLN B 182 38.55 11.78 17.63
N ALA B 183 39.42 12.75 17.36
CA ALA B 183 39.99 13.62 18.39
C ALA B 183 39.07 14.78 18.79
N ILE B 184 38.14 15.16 17.90
CA ILE B 184 37.18 16.22 18.22
C ILE B 184 36.48 15.83 19.53
N PRO B 185 36.55 16.68 20.58
CA PRO B 185 35.99 16.30 21.89
C PRO B 185 34.57 15.70 21.86
N ALA B 186 33.60 16.38 21.24
CA ALA B 186 32.22 15.85 21.16
C ALA B 186 32.16 14.48 20.49
N VAL B 187 32.96 14.29 19.44
CA VAL B 187 33.02 13.02 18.71
C VAL B 187 33.71 11.97 19.58
N ALA B 188 34.81 12.34 20.23
CA ALA B 188 35.53 11.39 21.11
C ALA B 188 34.61 10.90 22.22
N ASN B 189 33.85 11.82 22.82
CA ASN B 189 32.91 11.50 23.89
C ASN B 189 31.83 10.52 23.44
N TRP B 190 31.33 10.72 22.23
CA TRP B 190 30.30 9.85 21.68
C TRP B 190 30.84 8.47 21.33
N ILE B 191 32.00 8.43 20.68
CA ILE B 191 32.65 7.16 20.34
C ILE B 191 32.87 6.32 21.60
N LYS B 192 33.24 6.98 22.70
CA LYS B 192 33.51 6.30 23.95
C LYS B 192 32.25 5.72 24.58
N ARG B 193 31.18 6.52 24.64
CA ARG B 193 29.94 6.13 25.30
C ARG B 193 28.90 5.35 24.49
N ARG B 194 28.95 5.46 23.16
CA ARG B 194 27.93 4.80 22.30
C ARG B 194 27.89 3.28 22.42
N PRO B 195 26.71 2.68 22.15
CA PRO B 195 26.64 1.21 22.13
C PRO B 195 27.68 0.64 21.15
N GLN B 196 28.44 -0.33 21.60
CA GLN B 196 29.51 -0.89 20.77
C GLN B 196 28.93 -2.06 20.01
N THR B 197 28.67 -1.83 18.72
CA THR B 197 28.07 -2.84 17.86
C THR B 197 29.03 -3.09 16.70
N LYS B 198 28.85 -4.22 16.00
CA LYS B 198 29.75 -4.53 14.89
C LYS B 198 29.64 -3.48 13.77
N LEU B 199 28.40 -3.21 13.38
CA LEU B 199 28.11 -2.31 12.28
C LEU B 199 27.36 -1.06 12.71
N PRO C 2 -12.05 -29.28 -12.47
CA PRO C 2 -13.18 -29.10 -13.38
C PRO C 2 -12.98 -27.94 -14.35
N ASN C 3 -13.78 -27.90 -15.41
CA ASN C 3 -13.70 -26.81 -16.38
C ASN C 3 -14.60 -25.68 -15.90
N TYR C 4 -13.99 -24.52 -15.71
CA TYR C 4 -14.69 -23.34 -15.21
C TYR C 4 -14.91 -22.28 -16.27
N LYS C 5 -16.10 -21.69 -16.26
CA LYS C 5 -16.40 -20.59 -17.15
C LYS C 5 -17.06 -19.48 -16.35
N LEU C 6 -16.35 -18.37 -16.20
CA LEU C 6 -16.86 -17.19 -15.47
C LEU C 6 -17.43 -16.19 -16.46
N THR C 7 -18.65 -15.71 -16.21
CA THR C 7 -19.29 -14.72 -17.09
C THR C 7 -19.56 -13.42 -16.31
N TYR C 8 -19.13 -12.29 -16.89
CA TYR C 8 -19.34 -10.97 -16.29
C TYR C 8 -19.10 -9.93 -17.38
N PHE C 9 -19.26 -8.65 -17.03
CA PHE C 9 -18.91 -7.57 -17.96
C PHE C 9 -17.39 -7.44 -18.03
N ASN C 10 -16.92 -6.60 -18.94
CA ASN C 10 -15.50 -6.29 -19.04
C ASN C 10 -15.22 -5.23 -17.98
N MET C 11 -15.15 -5.71 -16.74
CA MET C 11 -14.82 -4.90 -15.57
C MET C 11 -14.42 -5.81 -14.41
N ARG C 12 -13.79 -5.24 -13.40
CA ARG C 12 -13.38 -6.01 -12.23
C ARG C 12 -14.68 -6.35 -11.51
N GLY C 13 -15.30 -5.31 -10.96
CA GLY C 13 -16.58 -5.43 -10.26
C GLY C 13 -16.70 -6.60 -9.33
N ARG C 14 -17.85 -7.24 -9.36
CA ARG C 14 -18.11 -8.34 -8.46
C ARG C 14 -17.51 -9.69 -8.87
N ALA C 15 -16.91 -9.75 -10.05
CA ALA C 15 -16.29 -10.99 -10.51
C ALA C 15 -14.81 -11.07 -10.13
N GLU C 16 -14.22 -9.92 -9.82
CA GLU C 16 -12.77 -9.84 -9.55
C GLU C 16 -12.31 -10.73 -8.40
N ILE C 17 -13.12 -10.86 -7.35
CA ILE C 17 -12.71 -11.73 -6.24
C ILE C 17 -12.48 -13.17 -6.73
N ILE C 18 -13.34 -13.63 -7.62
CA ILE C 18 -13.20 -14.99 -8.19
C ILE C 18 -11.93 -15.06 -9.07
N ARG C 19 -11.68 -14.01 -9.84
CA ARG C 19 -10.49 -13.97 -10.71
C ARG C 19 -9.18 -14.03 -9.91
N TYR C 20 -9.16 -13.38 -8.75
CA TYR C 20 -7.99 -13.42 -7.87
C TYR C 20 -7.82 -14.82 -7.29
N ILE C 21 -8.93 -15.41 -6.83
CA ILE C 21 -8.91 -16.76 -6.25
C ILE C 21 -8.35 -17.75 -7.26
N PHE C 22 -8.90 -17.72 -8.48
CA PHE C 22 -8.46 -18.62 -9.55
C PHE C 22 -6.97 -18.44 -9.83
N ALA C 23 -6.52 -17.18 -9.92
CA ALA C 23 -5.12 -16.87 -10.18
C ALA C 23 -4.20 -17.40 -9.10
N TYR C 24 -4.54 -17.13 -7.84
CA TYR C 24 -3.74 -17.58 -6.71
C TYR C 24 -3.63 -19.11 -6.64
N LEU C 25 -4.75 -19.77 -6.90
CA LEU C 25 -4.83 -21.24 -6.86
C LEU C 25 -4.40 -21.92 -8.15
N ASP C 26 -3.92 -21.13 -9.10
CA ASP C 26 -3.45 -21.59 -10.40
C ASP C 26 -4.51 -22.46 -11.08
N ILE C 27 -5.72 -21.92 -11.19
CA ILE C 27 -6.82 -22.61 -11.85
C ILE C 27 -7.12 -21.94 -13.18
N GLN C 28 -7.04 -22.73 -14.25
CA GLN C 28 -7.37 -22.25 -15.58
C GLN C 28 -8.90 -22.17 -15.70
N TYR C 29 -9.40 -21.08 -16.26
CA TYR C 29 -10.83 -20.90 -16.42
C TYR C 29 -11.06 -20.03 -17.65
N GLU C 30 -12.30 -19.99 -18.13
CA GLU C 30 -12.64 -19.13 -19.25
C GLU C 30 -13.15 -17.82 -18.66
N ASP C 31 -12.41 -16.74 -18.88
CA ASP C 31 -12.79 -15.41 -18.39
C ASP C 31 -13.69 -14.76 -19.45
N HIS C 32 -14.97 -15.12 -19.44
CA HIS C 32 -15.88 -14.61 -20.46
C HIS C 32 -16.46 -13.25 -20.12
N ARG C 33 -16.09 -12.25 -20.90
CA ARG C 33 -16.52 -10.88 -20.67
C ARG C 33 -17.52 -10.48 -21.74
N ILE C 34 -18.76 -10.25 -21.31
CA ILE C 34 -19.82 -9.90 -22.23
C ILE C 34 -19.83 -8.41 -22.55
N GLU C 35 -20.31 -8.08 -23.74
CA GLU C 35 -20.46 -6.70 -24.16
C GLU C 35 -21.66 -6.12 -23.43
N GLN C 36 -21.51 -4.90 -22.91
CA GLN C 36 -22.58 -4.20 -22.19
C GLN C 36 -23.83 -4.12 -23.06
N ALA C 37 -23.64 -4.13 -24.38
CA ALA C 37 -24.72 -4.06 -25.36
C ALA C 37 -25.48 -5.38 -25.51
N ASP C 38 -24.78 -6.50 -25.30
CA ASP C 38 -25.35 -7.84 -25.39
C ASP C 38 -26.07 -8.30 -24.12
N TRP C 39 -26.02 -7.48 -23.07
CA TRP C 39 -26.60 -7.83 -21.76
C TRP C 39 -28.14 -8.05 -21.70
N PRO C 40 -28.95 -7.12 -22.26
CA PRO C 40 -30.41 -7.31 -22.23
C PRO C 40 -30.84 -8.74 -22.59
N GLU C 41 -30.28 -9.28 -23.68
CA GLU C 41 -30.55 -10.65 -24.12
C GLU C 41 -30.13 -11.69 -23.09
N ILE C 42 -28.94 -11.54 -22.54
CA ILE C 42 -28.36 -12.51 -21.61
C ILE C 42 -29.06 -12.58 -20.24
N LYS C 43 -29.42 -11.42 -19.71
CA LYS C 43 -30.09 -11.30 -18.41
C LYS C 43 -31.22 -12.30 -18.19
N SER C 44 -32.10 -12.43 -19.17
CA SER C 44 -33.26 -13.33 -19.06
C SER C 44 -32.92 -14.82 -18.97
N THR C 45 -31.72 -15.20 -19.42
CA THR C 45 -31.27 -16.59 -19.39
C THR C 45 -30.62 -16.97 -18.06
N LEU C 46 -30.50 -16.00 -17.16
CA LEU C 46 -29.84 -16.24 -15.87
C LEU C 46 -30.84 -16.56 -14.75
N PRO C 47 -30.38 -17.26 -13.68
CA PRO C 47 -31.23 -17.74 -12.58
C PRO C 47 -32.05 -16.65 -11.90
N PHE C 48 -31.34 -15.59 -11.51
CA PHE C 48 -31.94 -14.46 -10.86
C PHE C 48 -31.58 -13.19 -11.63
N GLY C 49 -31.26 -13.37 -12.91
CA GLY C 49 -30.92 -12.28 -13.82
C GLY C 49 -29.72 -11.43 -13.40
N LYS C 50 -28.78 -12.04 -12.70
CA LYS C 50 -27.60 -11.30 -12.24
C LYS C 50 -26.29 -11.97 -12.63
N ILE C 51 -25.24 -11.17 -12.76
CA ILE C 51 -23.89 -11.68 -13.00
C ILE C 51 -23.01 -11.13 -11.87
N PRO C 52 -21.89 -11.80 -11.58
CA PRO C 52 -21.37 -12.98 -12.27
C PRO C 52 -22.05 -14.31 -12.01
N ILE C 53 -21.81 -15.22 -12.94
CA ILE C 53 -22.19 -16.61 -12.81
C ILE C 53 -20.89 -17.37 -13.05
N LEU C 54 -20.79 -18.57 -12.48
CA LEU C 54 -19.66 -19.44 -12.68
C LEU C 54 -20.22 -20.80 -13.05
N GLU C 55 -19.90 -21.25 -14.25
CA GLU C 55 -20.34 -22.56 -14.73
C GLU C 55 -19.25 -23.55 -14.38
N VAL C 56 -19.63 -24.54 -13.58
CA VAL C 56 -18.74 -25.61 -13.09
C VAL C 56 -19.28 -26.92 -13.66
N ASP C 57 -18.70 -27.39 -14.76
CA ASP C 57 -19.18 -28.59 -15.47
C ASP C 57 -20.64 -28.45 -15.87
N GLY C 58 -20.96 -27.36 -16.56
CA GLY C 58 -22.34 -27.11 -17.00
C GLY C 58 -23.33 -26.92 -15.86
N LEU C 59 -22.81 -26.73 -14.65
CA LEU C 59 -23.64 -26.44 -13.48
C LEU C 59 -23.45 -24.95 -13.23
N THR C 60 -24.55 -24.20 -13.15
CA THR C 60 -24.47 -22.75 -12.99
C THR C 60 -24.51 -22.31 -11.53
N LEU C 61 -23.50 -21.52 -11.15
CA LEU C 61 -23.44 -20.95 -9.80
C LEU C 61 -23.53 -19.44 -9.91
N HIS C 62 -24.17 -18.82 -8.92
CA HIS C 62 -24.29 -17.37 -8.91
C HIS C 62 -23.92 -16.85 -7.53
N GLN C 63 -23.91 -15.53 -7.37
CA GLN C 63 -23.53 -14.84 -6.12
C GLN C 63 -22.03 -14.93 -5.87
N SER C 64 -21.32 -13.85 -6.20
CA SER C 64 -19.85 -13.82 -6.12
C SER C 64 -19.23 -14.32 -4.82
N LEU C 65 -19.78 -13.90 -3.68
CA LEU C 65 -19.20 -14.26 -2.40
C LEU C 65 -19.53 -15.69 -2.01
N ALA C 66 -20.67 -16.21 -2.47
CA ALA C 66 -21.03 -17.61 -2.23
C ALA C 66 -20.03 -18.46 -2.99
N ILE C 67 -19.77 -18.07 -4.23
CA ILE C 67 -18.80 -18.74 -5.09
C ILE C 67 -17.39 -18.63 -4.51
N ALA C 68 -16.99 -17.43 -4.08
CA ALA C 68 -15.66 -17.24 -3.50
C ALA C 68 -15.41 -18.14 -2.29
N ARG C 69 -16.42 -18.24 -1.43
CA ARG C 69 -16.33 -19.07 -0.24
C ARG C 69 -16.21 -20.55 -0.63
N TYR C 70 -16.99 -20.95 -1.62
CA TYR C 70 -16.96 -22.34 -2.09
C TYR C 70 -15.60 -22.71 -2.67
N LEU C 71 -15.04 -21.81 -3.48
CA LEU C 71 -13.74 -22.05 -4.13
C LEU C 71 -12.55 -22.06 -3.17
N THR C 72 -12.66 -21.31 -2.08
CA THR C 72 -11.56 -21.20 -1.13
C THR C 72 -11.61 -22.22 0.00
N LYS C 73 -12.75 -22.89 0.14
CA LYS C 73 -12.91 -23.90 1.20
C LYS C 73 -11.85 -24.96 0.96
N ASN C 74 -11.15 -25.32 2.03
CA ASN C 74 -10.09 -26.34 1.98
C ASN C 74 -8.81 -25.87 1.27
N THR C 75 -8.60 -24.56 1.18
CA THR C 75 -7.37 -24.03 0.58
C THR C 75 -6.74 -23.16 1.64
N ASP C 76 -5.52 -22.69 1.39
CA ASP C 76 -4.87 -21.82 2.35
C ASP C 76 -5.45 -20.40 2.39
N LEU C 77 -6.38 -20.09 1.45
CA LEU C 77 -7.08 -18.79 1.43
C LEU C 77 -8.22 -18.72 2.44
N ALA C 78 -8.60 -19.87 2.97
CA ALA C 78 -9.65 -19.95 3.97
C ALA C 78 -9.07 -19.66 5.36
N GLY C 79 -9.91 -19.18 6.27
CA GLY C 79 -9.48 -18.97 7.67
C GLY C 79 -8.91 -20.29 8.19
N ASN C 80 -7.96 -20.20 9.12
CA ASN C 80 -7.26 -21.39 9.62
C ASN C 80 -8.05 -22.26 10.62
N THR C 81 -9.16 -21.69 11.13
CA THR C 81 -10.07 -22.36 12.07
C THR C 81 -11.51 -21.98 11.70
N GLU C 82 -12.50 -22.58 12.34
CA GLU C 82 -13.89 -22.18 12.10
C GLU C 82 -14.12 -20.74 12.59
N MET C 83 -13.45 -20.37 13.67
CA MET C 83 -13.59 -19.02 14.19
C MET C 83 -12.97 -18.01 13.23
N GLU C 84 -11.80 -18.34 12.67
CA GLU C 84 -11.14 -17.48 11.68
C GLU C 84 -12.00 -17.33 10.44
N GLN C 85 -12.68 -18.38 10.03
CA GLN C 85 -13.57 -18.34 8.87
C GLN C 85 -14.71 -17.35 9.13
N CYS C 86 -15.19 -17.31 10.38
CA CYS C 86 -16.20 -16.33 10.77
C CYS C 86 -15.62 -14.92 10.63
N HIS C 87 -14.38 -14.73 11.09
CA HIS C 87 -13.71 -13.42 10.96
C HIS C 87 -13.49 -13.05 9.50
N VAL C 88 -13.12 -14.03 8.68
CA VAL C 88 -12.96 -13.79 7.24
C VAL C 88 -14.28 -13.29 6.68
N ASP C 89 -15.35 -14.06 6.90
CA ASP C 89 -16.69 -13.69 6.41
C ASP C 89 -17.16 -12.32 6.89
N ALA C 90 -16.89 -11.98 8.15
CA ALA C 90 -17.30 -10.69 8.73
C ALA C 90 -16.60 -9.50 8.05
N ILE C 91 -15.30 -9.62 7.85
CA ILE C 91 -14.52 -8.57 7.19
C ILE C 91 -15.00 -8.40 5.75
N VAL C 92 -15.22 -9.52 5.05
CA VAL C 92 -15.72 -9.50 3.69
C VAL C 92 -17.10 -8.78 3.61
N ASP C 93 -18.03 -9.13 4.50
CA ASP C 93 -19.35 -8.50 4.52
C ASP C 93 -19.28 -7.01 4.85
N THR C 94 -18.36 -6.64 5.75
CA THR C 94 -18.15 -5.25 6.14
C THR C 94 -17.73 -4.44 4.91
N LEU C 95 -16.80 -4.99 4.13
CA LEU C 95 -16.31 -4.34 2.92
C LEU C 95 -17.41 -4.31 1.86
N ASP C 96 -18.17 -5.41 1.77
CA ASP C 96 -19.24 -5.54 0.78
C ASP C 96 -20.43 -4.62 1.03
N ASP C 97 -20.89 -4.52 2.28
CA ASP C 97 -22.04 -3.68 2.68
C ASP C 97 -21.79 -2.29 2.19
N PHE C 98 -20.52 -1.92 2.23
CA PHE C 98 -20.11 -0.62 1.78
C PHE C 98 -20.36 -0.58 0.29
N MET C 99 -19.63 -1.43 -0.43
CA MET C 99 -19.73 -1.58 -1.88
C MET C 99 -21.10 -2.10 -2.34
N THR C 121 -18.44 10.50 1.73
CA THR C 121 -17.47 10.77 2.78
C THR C 121 -18.06 10.69 4.19
N TYR C 122 -19.27 10.15 4.33
CA TYR C 122 -19.83 9.98 5.66
C TYR C 122 -19.36 8.66 6.24
N ASN C 123 -19.20 7.67 5.37
CA ASN C 123 -18.89 6.33 5.84
C ASN C 123 -17.56 5.77 5.38
N ALA C 124 -17.08 6.17 4.20
CA ALA C 124 -15.81 5.66 3.67
C ALA C 124 -14.66 5.97 4.62
N PRO C 125 -14.49 7.26 5.01
CA PRO C 125 -13.42 7.58 5.97
C PRO C 125 -13.56 6.84 7.31
N HIS C 126 -14.78 6.60 7.78
CA HIS C 126 -14.96 5.83 9.04
C HIS C 126 -14.57 4.38 8.89
N LEU C 127 -14.89 3.76 7.75
CA LEU C 127 -14.49 2.39 7.49
C LEU C 127 -12.96 2.31 7.50
N MET C 128 -12.32 3.27 6.85
CA MET C 128 -10.85 3.34 6.78
C MET C 128 -10.25 3.41 8.16
N GLN C 129 -10.82 4.27 9.03
CA GLN C 129 -10.31 4.39 10.39
C GLN C 129 -10.52 3.11 11.20
N ASP C 130 -11.72 2.53 11.09
CA ASP C 130 -12.03 1.27 11.78
C ASP C 130 -11.11 0.15 11.35
N LEU C 131 -10.96 -0.01 10.03
CA LEU C 131 -10.07 -1.03 9.46
C LEU C 131 -8.62 -0.83 9.87
N ASP C 132 -8.18 0.43 9.88
CA ASP C 132 -6.80 0.75 10.27
C ASP C 132 -6.58 0.37 11.74
N THR C 133 -7.55 0.71 12.59
CA THR C 133 -7.48 0.37 14.01
C THR C 133 -7.56 -1.15 14.19
N TYR C 134 -8.47 -1.78 13.45
CA TYR C 134 -8.66 -3.23 13.51
C TYR C 134 -7.41 -3.98 13.08
N LEU C 135 -6.78 -3.50 12.02
CA LEU C 135 -5.59 -4.13 11.51
C LEU C 135 -4.45 -3.94 12.49
N GLY C 136 -4.41 -2.78 13.13
CA GLY C 136 -3.36 -2.48 14.11
C GLY C 136 -2.05 -3.11 13.65
N GLY C 137 -1.40 -3.83 14.56
CA GLY C 137 -0.11 -4.45 14.29
C GLY C 137 -0.08 -5.76 13.51
N ARG C 138 -1.21 -6.14 12.93
CA ARG C 138 -1.31 -7.38 12.16
C ARG C 138 -0.59 -7.28 10.82
N GLU C 139 -0.26 -8.44 10.26
CA GLU C 139 0.33 -8.51 8.94
C GLU C 139 -0.82 -8.60 7.92
N TRP C 140 -1.78 -9.47 8.22
CA TRP C 140 -2.94 -9.75 7.39
C TRP C 140 -4.20 -9.45 8.21
N LEU C 141 -5.35 -9.35 7.56
CA LEU C 141 -6.59 -9.01 8.27
C LEU C 141 -7.02 -10.04 9.32
N ILE C 142 -6.86 -11.32 8.97
CA ILE C 142 -7.24 -12.43 9.84
C ILE C 142 -6.10 -13.42 9.97
N GLY C 143 -5.81 -13.83 11.19
CA GLY C 143 -4.80 -14.86 11.45
C GLY C 143 -3.40 -14.46 11.05
N ASN C 144 -2.55 -15.45 10.78
CA ASN C 144 -1.15 -15.15 10.48
C ASN C 144 -0.73 -15.34 9.03
N SER C 145 -1.71 -15.50 8.14
CA SER C 145 -1.44 -15.67 6.74
C SER C 145 -2.57 -15.07 5.89
N VAL C 146 -2.29 -14.89 4.61
CA VAL C 146 -3.24 -14.27 3.69
C VAL C 146 -4.52 -15.10 3.56
N THR C 147 -5.65 -14.42 3.47
CA THR C 147 -6.96 -15.05 3.25
C THR C 147 -7.63 -14.28 2.13
N TRP C 148 -8.73 -14.80 1.58
CA TRP C 148 -9.45 -14.08 0.53
C TRP C 148 -10.06 -12.75 1.04
N ALA C 149 -10.04 -12.52 2.36
CA ALA C 149 -10.48 -11.24 2.94
C ALA C 149 -9.46 -10.13 2.58
N ASP C 150 -8.18 -10.48 2.57
CA ASP C 150 -7.13 -9.54 2.16
C ASP C 150 -7.30 -9.23 0.67
N PHE C 151 -7.64 -10.26 -0.11
CA PHE C 151 -7.88 -10.08 -1.54
C PHE C 151 -9.04 -9.11 -1.69
N TYR C 152 -10.09 -9.32 -0.91
CA TYR C 152 -11.28 -8.49 -1.04
C TYR C 152 -11.02 -7.04 -0.65
N TRP C 153 -10.19 -6.84 0.38
CA TRP C 153 -9.80 -5.50 0.76
C TRP C 153 -9.09 -4.76 -0.38
N GLU C 154 -8.11 -5.41 -0.99
CA GLU C 154 -7.34 -4.82 -2.10
C GLU C 154 -8.26 -4.49 -3.29
N ILE C 155 -9.17 -5.41 -3.61
CA ILE C 155 -10.13 -5.24 -4.70
C ILE C 155 -11.11 -4.08 -4.42
N CYS C 156 -11.73 -4.10 -3.24
CA CYS C 156 -12.67 -3.04 -2.90
C CYS C 156 -11.99 -1.69 -2.80
N SER C 157 -10.81 -1.64 -2.18
CA SER C 157 -10.11 -0.38 -2.03
C SER C 157 -9.69 0.24 -3.38
N THR C 158 -9.36 -0.61 -4.34
CA THR C 158 -8.99 -0.19 -5.70
C THR C 158 -10.11 0.65 -6.32
N THR C 159 -11.34 0.14 -6.21
CA THR C 159 -12.52 0.83 -6.73
C THR C 159 -12.84 2.10 -5.93
N LEU C 160 -12.85 2.00 -4.60
CA LEU C 160 -13.09 3.20 -3.78
C LEU C 160 -12.11 4.33 -4.11
N LEU C 161 -10.85 3.98 -4.36
CA LEU C 161 -9.81 4.98 -4.70
C LEU C 161 -10.12 5.73 -6.00
N VAL C 162 -10.81 5.06 -6.92
CA VAL C 162 -11.21 5.69 -8.18
C VAL C 162 -12.17 6.85 -7.91
N PHE C 163 -13.12 6.63 -7.00
CA PHE C 163 -14.10 7.65 -6.64
C PHE C 163 -13.61 8.64 -5.57
N LYS C 164 -12.65 8.21 -4.78
CA LYS C 164 -12.13 9.06 -3.73
C LYS C 164 -10.62 8.84 -3.65
N PRO C 165 -9.86 9.55 -4.51
CA PRO C 165 -8.41 9.35 -4.57
C PRO C 165 -7.63 9.60 -3.27
N ASP C 166 -8.23 10.31 -2.32
CA ASP C 166 -7.53 10.62 -1.08
C ASP C 166 -7.86 9.66 0.07
N LEU C 167 -8.61 8.60 -0.24
CA LEU C 167 -9.10 7.62 0.73
C LEU C 167 -8.07 7.16 1.77
N LEU C 168 -6.88 6.82 1.29
CA LEU C 168 -5.82 6.27 2.12
C LEU C 168 -4.67 7.22 2.39
N ASP C 169 -4.82 8.49 2.05
CA ASP C 169 -3.71 9.45 2.25
C ASP C 169 -3.17 9.51 3.69
N ASN C 170 -4.02 9.22 4.66
CA ASN C 170 -3.62 9.21 6.06
C ASN C 170 -3.57 7.81 6.71
N HIS C 171 -3.61 6.78 5.87
CA HIS C 171 -3.64 5.41 6.39
C HIS C 171 -2.57 4.48 5.80
N PRO C 172 -1.28 4.77 6.06
CA PRO C 172 -0.18 3.93 5.53
C PRO C 172 -0.32 2.42 5.82
N ARG C 173 -0.90 2.04 6.95
CA ARG C 173 -1.10 0.62 7.27
C ARG C 173 -1.98 -0.09 6.24
N LEU C 174 -3.00 0.63 5.77
CA LEU C 174 -3.93 0.12 4.78
C LEU C 174 -3.27 0.08 3.40
N VAL C 175 -2.42 1.07 3.12
CA VAL C 175 -1.62 1.08 1.90
C VAL C 175 -0.67 -0.13 1.94
N THR C 176 -0.04 -0.37 3.09
CA THR C 176 0.86 -1.52 3.25
C THR C 176 0.15 -2.82 2.88
N LEU C 177 -1.05 -3.04 3.40
CA LEU C 177 -1.79 -4.27 3.09
C LEU C 177 -2.09 -4.41 1.60
N ARG C 178 -2.44 -3.32 0.92
CA ARG C 178 -2.65 -3.36 -0.53
C ARG C 178 -1.36 -3.80 -1.24
N LYS C 179 -0.24 -3.18 -0.85
CA LYS C 179 1.06 -3.52 -1.42
C LYS C 179 1.38 -5.01 -1.23
N LYS C 180 1.16 -5.53 -0.01
CA LYS C 180 1.41 -6.94 0.30
C LYS C 180 0.61 -7.88 -0.60
N VAL C 181 -0.69 -7.62 -0.73
CA VAL C 181 -1.53 -8.45 -1.60
C VAL C 181 -1.07 -8.38 -3.05
N GLN C 182 -0.80 -7.16 -3.52
CA GLN C 182 -0.38 -6.94 -4.89
C GLN C 182 1.00 -7.52 -5.19
N ALA C 183 1.78 -7.80 -4.13
CA ALA C 183 3.13 -8.34 -4.30
C ALA C 183 3.17 -9.88 -4.33
N ILE C 184 2.03 -10.52 -4.07
CA ILE C 184 1.90 -11.97 -4.20
C ILE C 184 2.06 -12.26 -5.69
N PRO C 185 3.08 -13.06 -6.08
CA PRO C 185 3.34 -13.29 -7.51
C PRO C 185 2.13 -13.59 -8.39
N ALA C 186 1.27 -14.52 -7.98
CA ALA C 186 0.06 -14.85 -8.78
C ALA C 186 -0.91 -13.67 -8.97
N VAL C 187 -1.02 -12.85 -7.93
CA VAL C 187 -1.87 -11.65 -7.94
C VAL C 187 -1.21 -10.56 -8.81
N ALA C 188 0.07 -10.30 -8.58
CA ALA C 188 0.82 -9.33 -9.40
C ALA C 188 0.73 -9.67 -10.88
N ASN C 189 0.87 -10.96 -11.22
CA ASN C 189 0.78 -11.39 -12.62
C ASN C 189 -0.63 -11.21 -13.20
N TRP C 190 -1.65 -11.39 -12.38
CA TRP C 190 -3.02 -11.17 -12.83
C TRP C 190 -3.28 -9.66 -13.05
N ILE C 191 -2.86 -8.83 -12.09
CA ILE C 191 -3.04 -7.38 -12.18
C ILE C 191 -2.42 -6.80 -13.48
N LYS C 192 -1.31 -7.38 -13.93
CA LYS C 192 -0.65 -6.98 -15.19
C LYS C 192 -1.37 -7.49 -16.44
N ARG C 193 -1.96 -8.68 -16.32
CA ARG C 193 -2.65 -9.34 -17.43
C ARG C 193 -4.08 -8.83 -17.70
N ARG C 194 -4.80 -8.48 -16.63
CA ARG C 194 -6.22 -8.12 -16.76
C ARG C 194 -6.48 -6.85 -17.59
N PRO C 195 -7.64 -6.81 -18.28
CA PRO C 195 -8.00 -5.59 -19.01
C PRO C 195 -8.05 -4.40 -18.06
N GLN C 196 -7.49 -3.26 -18.46
CA GLN C 196 -7.52 -2.08 -17.63
C GLN C 196 -8.91 -1.47 -17.68
N THR C 197 -9.57 -1.39 -16.52
CA THR C 197 -10.88 -0.82 -16.42
C THR C 197 -10.97 0.10 -15.21
N LYS C 198 -11.95 0.99 -15.23
CA LYS C 198 -12.18 1.89 -14.12
C LYS C 198 -12.82 1.12 -12.97
N LEU C 199 -13.83 0.33 -13.29
CA LEU C 199 -14.56 -0.42 -12.27
C LEU C 199 -14.32 -1.91 -12.37
N PRO D 2 -20.96 -22.41 25.53
CA PRO D 2 -20.34 -21.10 25.46
C PRO D 2 -21.29 -20.01 25.94
N ASN D 3 -20.73 -18.94 26.50
CA ASN D 3 -21.51 -17.82 27.01
C ASN D 3 -21.83 -16.84 25.88
N TYR D 4 -22.84 -17.21 25.08
CA TYR D 4 -23.26 -16.35 23.99
C TYR D 4 -24.09 -15.17 24.47
N LYS D 5 -23.78 -13.99 23.96
CA LYS D 5 -24.54 -12.76 24.25
C LYS D 5 -24.79 -11.98 22.95
N LEU D 6 -26.04 -11.95 22.51
CA LEU D 6 -26.46 -11.26 21.31
C LEU D 6 -26.96 -9.86 21.63
N THR D 7 -26.37 -8.85 20.98
CA THR D 7 -26.79 -7.47 21.17
C THR D 7 -27.35 -6.89 19.87
N TYR D 8 -28.55 -6.32 19.95
CA TYR D 8 -29.21 -5.71 18.81
C TYR D 8 -30.35 -4.86 19.37
N PHE D 9 -31.13 -4.24 18.49
CA PHE D 9 -32.32 -3.49 18.91
C PHE D 9 -33.44 -4.48 19.22
N ASN D 10 -34.54 -3.96 19.79
CA ASN D 10 -35.70 -4.79 20.11
C ASN D 10 -36.56 -4.92 18.87
N MET D 11 -36.07 -5.73 17.94
CA MET D 11 -36.74 -6.04 16.69
C MET D 11 -36.13 -7.30 16.12
N ARG D 12 -36.83 -7.93 15.20
CA ARG D 12 -36.33 -9.12 14.52
C ARG D 12 -35.11 -8.63 13.71
N GLY D 13 -35.37 -7.80 12.71
CA GLY D 13 -34.32 -7.20 11.88
C GLY D 13 -33.25 -8.16 11.42
N ARG D 14 -31.99 -7.72 11.53
CA ARG D 14 -30.84 -8.53 11.09
C ARG D 14 -30.37 -9.56 12.10
N ALA D 15 -30.88 -9.49 13.32
CA ALA D 15 -30.51 -10.45 14.36
C ALA D 15 -31.41 -11.67 14.35
N GLU D 16 -32.59 -11.56 13.75
CA GLU D 16 -33.56 -12.66 13.81
C GLU D 16 -33.04 -14.00 13.30
N ILE D 17 -32.24 -13.96 12.23
CA ILE D 17 -31.68 -15.20 11.69
C ILE D 17 -30.89 -15.96 12.76
N ILE D 18 -30.08 -15.24 13.52
CA ILE D 18 -29.27 -15.77 14.61
C ILE D 18 -30.18 -16.34 15.71
N ARG D 19 -31.24 -15.62 16.02
CA ARG D 19 -32.19 -16.06 17.07
C ARG D 19 -32.86 -17.39 16.69
N TYR D 20 -33.24 -17.54 15.43
CA TYR D 20 -33.83 -18.77 14.92
C TYR D 20 -32.84 -19.92 15.00
N ILE D 21 -31.58 -19.65 14.69
CA ILE D 21 -30.53 -20.68 14.70
C ILE D 21 -30.32 -21.17 16.14
N PHE D 22 -30.22 -20.24 17.09
CA PHE D 22 -30.09 -20.62 18.51
C PHE D 22 -31.29 -21.42 18.99
N ALA D 23 -32.49 -21.00 18.57
CA ALA D 23 -33.73 -21.71 18.91
C ALA D 23 -33.72 -23.15 18.38
N TYR D 24 -33.44 -23.30 17.09
CA TYR D 24 -33.40 -24.60 16.46
C TYR D 24 -32.35 -25.54 17.05
N LEU D 25 -31.18 -25.00 17.40
CA LEU D 25 -30.10 -25.79 17.95
C LEU D 25 -30.18 -25.94 19.47
N ASP D 26 -31.19 -25.30 20.08
CA ASP D 26 -31.40 -25.38 21.52
C ASP D 26 -30.15 -24.92 22.28
N ILE D 27 -29.64 -23.74 21.92
CA ILE D 27 -28.42 -23.19 22.52
C ILE D 27 -28.77 -22.00 23.40
N GLN D 28 -28.19 -21.93 24.60
CA GLN D 28 -28.47 -20.79 25.47
C GLN D 28 -27.68 -19.57 25.06
N TYR D 29 -28.32 -18.42 25.17
CA TYR D 29 -27.68 -17.16 24.85
C TYR D 29 -28.51 -16.07 25.50
N GLU D 30 -27.85 -14.96 25.82
CA GLU D 30 -28.56 -13.82 26.35
C GLU D 30 -28.99 -12.97 25.16
N ASP D 31 -30.30 -12.77 25.05
CA ASP D 31 -30.88 -11.98 23.98
C ASP D 31 -30.96 -10.54 24.49
N HIS D 32 -29.85 -9.82 24.36
CA HIS D 32 -29.79 -8.44 24.84
C HIS D 32 -30.32 -7.44 23.81
N ARG D 33 -31.42 -6.79 24.18
CA ARG D 33 -32.08 -5.81 23.33
C ARG D 33 -31.91 -4.40 23.87
N ILE D 34 -31.33 -3.52 23.04
CA ILE D 34 -31.06 -2.14 23.42
C ILE D 34 -32.08 -1.13 22.89
N GLU D 35 -32.07 0.04 23.53
CA GLU D 35 -32.94 1.16 23.21
C GLU D 35 -32.22 2.12 22.26
N GLN D 36 -32.99 2.78 21.39
CA GLN D 36 -32.46 3.74 20.41
C GLN D 36 -31.65 4.89 21.02
N ALA D 37 -31.71 5.03 22.35
CA ALA D 37 -31.00 6.09 23.06
C ALA D 37 -29.74 5.61 23.82
N ASP D 38 -29.60 4.30 23.97
CA ASP D 38 -28.45 3.72 24.65
C ASP D 38 -27.37 3.31 23.63
N TRP D 39 -27.76 3.36 22.36
CA TRP D 39 -26.90 2.96 21.23
C TRP D 39 -25.67 3.82 20.94
N PRO D 40 -25.82 5.16 20.79
CA PRO D 40 -24.63 5.98 20.51
C PRO D 40 -23.43 5.66 21.42
N GLU D 41 -23.67 5.51 22.72
CA GLU D 41 -22.61 5.19 23.68
C GLU D 41 -22.11 3.75 23.60
N ILE D 42 -22.90 2.88 22.98
CA ILE D 42 -22.50 1.48 22.75
C ILE D 42 -21.71 1.37 21.45
N LYS D 43 -22.16 2.11 20.43
CA LYS D 43 -21.56 2.12 19.10
C LYS D 43 -20.07 2.43 19.10
N SER D 44 -19.67 3.44 19.90
CA SER D 44 -18.27 3.88 19.97
C SER D 44 -17.30 2.89 20.63
N THR D 45 -17.83 1.78 21.13
CA THR D 45 -17.02 0.75 21.77
C THR D 45 -16.83 -0.48 20.88
N LEU D 46 -17.50 -0.47 19.73
CA LEU D 46 -17.47 -1.58 18.77
C LEU D 46 -16.52 -1.32 17.59
N PRO D 47 -15.60 -2.27 17.30
CA PRO D 47 -14.60 -2.21 16.23
C PRO D 47 -15.10 -1.75 14.86
N PHE D 48 -16.36 -2.02 14.53
CA PHE D 48 -16.93 -1.56 13.26
C PHE D 48 -18.23 -0.79 13.41
N GLY D 49 -18.58 -0.46 14.65
CA GLY D 49 -19.74 0.35 15.00
C GLY D 49 -21.11 -0.08 14.50
N LYS D 50 -21.35 -1.38 14.41
CA LYS D 50 -22.64 -1.89 13.96
C LYS D 50 -23.13 -3.07 14.78
N ILE D 51 -24.45 -3.24 14.78
CA ILE D 51 -25.10 -4.38 15.42
C ILE D 51 -25.93 -5.10 14.36
N PRO D 52 -26.21 -6.40 14.56
CA PRO D 52 -25.90 -7.25 15.72
C PRO D 52 -24.45 -7.63 15.96
N ILE D 53 -24.11 -7.80 17.23
CA ILE D 53 -22.83 -8.35 17.62
C ILE D 53 -23.13 -9.58 18.46
N LEU D 54 -22.25 -10.57 18.41
CA LEU D 54 -22.40 -11.77 19.22
C LEU D 54 -21.14 -11.94 20.03
N GLU D 55 -21.28 -11.76 21.34
CA GLU D 55 -20.16 -11.91 22.24
C GLU D 55 -20.05 -13.36 22.68
N VAL D 56 -18.87 -13.93 22.47
CA VAL D 56 -18.61 -15.31 22.83
C VAL D 56 -17.27 -15.26 23.51
N ASP D 57 -17.17 -15.90 24.68
CA ASP D 57 -15.94 -15.89 25.46
C ASP D 57 -15.48 -14.45 25.56
N GLY D 58 -14.26 -14.16 25.15
CA GLY D 58 -13.75 -12.79 25.18
C GLY D 58 -13.96 -12.06 23.87
N LEU D 59 -14.42 -12.81 22.86
CA LEU D 59 -14.59 -12.29 21.50
C LEU D 59 -15.90 -11.56 21.24
N THR D 60 -15.84 -10.57 20.36
CA THR D 60 -16.99 -9.79 19.93
C THR D 60 -17.14 -10.03 18.41
N LEU D 61 -18.03 -10.94 18.04
CA LEU D 61 -18.27 -11.26 16.63
C LEU D 61 -19.27 -10.28 16.03
N HIS D 62 -19.20 -10.08 14.72
CA HIS D 62 -20.11 -9.14 14.05
C HIS D 62 -20.48 -9.65 12.67
N GLN D 63 -21.44 -8.96 12.05
CA GLN D 63 -21.99 -9.30 10.72
C GLN D 63 -22.95 -10.47 10.84
N SER D 64 -24.24 -10.17 10.75
CA SER D 64 -25.29 -11.18 11.00
C SER D 64 -25.09 -12.51 10.26
N LEU D 65 -24.83 -12.42 8.96
CA LEU D 65 -24.67 -13.63 8.13
C LEU D 65 -23.40 -14.41 8.38
N ALA D 66 -22.32 -13.71 8.70
CA ALA D 66 -21.04 -14.34 9.05
C ALA D 66 -21.24 -15.15 10.33
N ILE D 67 -21.95 -14.55 11.29
CA ILE D 67 -22.27 -15.24 12.56
C ILE D 67 -23.17 -16.43 12.30
N ALA D 68 -24.23 -16.21 11.52
CA ALA D 68 -25.18 -17.29 11.16
C ALA D 68 -24.47 -18.48 10.52
N ARG D 69 -23.50 -18.20 9.65
CA ARG D 69 -22.73 -19.25 8.98
C ARG D 69 -21.84 -20.04 9.94
N TYR D 70 -21.24 -19.31 10.88
CA TYR D 70 -20.40 -19.91 11.90
C TYR D 70 -21.20 -20.85 12.79
N LEU D 71 -22.39 -20.40 13.21
CA LEU D 71 -23.25 -21.19 14.12
C LEU D 71 -23.85 -22.44 13.46
N THR D 72 -24.01 -22.43 12.14
CA THR D 72 -24.62 -23.56 11.43
C THR D 72 -23.63 -24.56 10.86
N LYS D 73 -22.34 -24.21 10.89
CA LYS D 73 -21.28 -25.06 10.39
C LYS D 73 -21.33 -26.38 11.16
N ASN D 74 -21.27 -27.50 10.44
CA ASN D 74 -21.29 -28.85 11.04
C ASN D 74 -22.60 -29.21 11.76
N THR D 75 -23.68 -28.50 11.42
CA THR D 75 -25.00 -28.80 11.96
C THR D 75 -25.89 -29.20 10.78
N ASP D 76 -27.11 -29.64 11.07
CA ASP D 76 -28.02 -30.02 10.00
C ASP D 76 -28.62 -28.80 9.27
N LEU D 77 -28.34 -27.59 9.76
CA LEU D 77 -28.85 -26.37 9.11
C LEU D 77 -27.98 -25.90 7.93
N ALA D 78 -26.80 -26.50 7.81
CA ALA D 78 -25.90 -26.14 6.71
C ALA D 78 -26.20 -27.05 5.54
N GLY D 79 -25.70 -26.71 4.35
CA GLY D 79 -25.87 -27.59 3.20
C GLY D 79 -25.20 -28.92 3.58
N ASN D 80 -25.73 -30.01 3.06
CA ASN D 80 -25.22 -31.35 3.35
C ASN D 80 -23.88 -31.67 2.69
N THR D 81 -23.58 -30.97 1.60
CA THR D 81 -22.32 -31.09 0.87
C THR D 81 -21.74 -29.68 0.73
N GLU D 82 -20.49 -29.60 0.30
CA GLU D 82 -19.83 -28.31 0.07
C GLU D 82 -20.51 -27.53 -1.06
N MET D 83 -21.03 -28.25 -2.06
CA MET D 83 -21.74 -27.62 -3.17
C MET D 83 -23.10 -27.10 -2.71
N GLU D 84 -23.80 -27.87 -1.87
CA GLU D 84 -25.08 -27.42 -1.32
C GLU D 84 -24.90 -26.18 -0.47
N GLN D 85 -23.78 -26.14 0.27
CA GLN D 85 -23.45 -24.98 1.10
C GLN D 85 -23.33 -23.73 0.23
N CYS D 86 -22.78 -23.90 -0.98
CA CYS D 86 -22.67 -22.79 -1.93
C CYS D 86 -24.08 -22.33 -2.34
N HIS D 87 -24.99 -23.27 -2.63
CA HIS D 87 -26.37 -22.90 -3.00
C HIS D 87 -27.09 -22.19 -1.85
N VAL D 88 -26.90 -22.68 -0.62
CA VAL D 88 -27.49 -22.04 0.55
C VAL D 88 -26.99 -20.60 0.65
N ASP D 89 -25.67 -20.43 0.56
CA ASP D 89 -25.07 -19.10 0.60
C ASP D 89 -25.61 -18.19 -0.51
N ALA D 90 -25.76 -18.74 -1.71
CA ALA D 90 -26.25 -17.96 -2.86
C ALA D 90 -27.69 -17.47 -2.66
N ILE D 91 -28.54 -18.32 -2.11
CA ILE D 91 -29.93 -17.91 -1.82
C ILE D 91 -30.01 -16.87 -0.72
N VAL D 92 -29.24 -17.06 0.35
CA VAL D 92 -29.18 -16.10 1.44
C VAL D 92 -28.71 -14.74 0.92
N ASP D 93 -27.66 -14.75 0.09
CA ASP D 93 -27.13 -13.51 -0.47
C ASP D 93 -28.12 -12.85 -1.42
N THR D 94 -28.84 -13.66 -2.18
CA THR D 94 -29.85 -13.14 -3.12
C THR D 94 -30.96 -12.42 -2.34
N LEU D 95 -31.36 -13.02 -1.22
CA LEU D 95 -32.36 -12.44 -0.32
C LEU D 95 -31.80 -11.19 0.36
N ASP D 96 -30.59 -11.30 0.89
CA ASP D 96 -29.98 -10.17 1.57
C ASP D 96 -29.73 -8.98 0.64
N ASP D 97 -29.38 -9.26 -0.61
CA ASP D 97 -29.18 -8.19 -1.60
C ASP D 97 -30.42 -7.33 -1.71
N PHE D 98 -31.56 -7.98 -1.84
CA PHE D 98 -32.83 -7.28 -2.00
C PHE D 98 -33.22 -6.48 -0.77
N MET D 99 -33.10 -7.10 0.41
CA MET D 99 -33.43 -6.45 1.68
C MET D 99 -32.52 -5.26 1.91
N SER D 100 -31.27 -5.40 1.47
CA SER D 100 -30.27 -4.33 1.59
C SER D 100 -30.52 -3.12 0.67
N CYS D 101 -31.30 -3.31 -0.40
CA CYS D 101 -31.64 -2.21 -1.29
C CYS D 101 -32.53 -1.17 -0.59
N PHE D 102 -33.30 -1.61 0.41
CA PHE D 102 -34.19 -0.73 1.15
C PHE D 102 -33.38 0.26 2.01
N PRO D 103 -33.63 1.57 1.82
CA PRO D 103 -32.91 2.58 2.59
C PRO D 103 -33.52 2.72 3.99
N TRP D 104 -33.30 1.69 4.83
CA TRP D 104 -33.83 1.66 6.19
C TRP D 104 -33.37 2.84 7.05
N ALA D 105 -32.16 3.33 6.79
CA ALA D 105 -31.57 4.42 7.57
C ALA D 105 -31.48 5.75 6.83
N GLU D 106 -32.17 5.88 5.70
CA GLU D 106 -32.20 7.14 4.96
C GLU D 106 -32.93 8.18 5.79
N LYS D 107 -32.25 9.28 6.05
CA LYS D 107 -32.77 10.38 6.86
C LYS D 107 -33.89 11.16 6.17
N LYS D 108 -33.75 11.41 4.87
CA LYS D 108 -34.75 12.14 4.09
C LYS D 108 -35.98 11.24 3.93
N GLN D 109 -37.08 11.60 4.61
CA GLN D 109 -38.32 10.80 4.64
C GLN D 109 -38.87 10.31 3.30
N ASP D 110 -39.52 11.19 2.52
CA ASP D 110 -40.12 10.79 1.24
C ASP D 110 -39.12 10.30 0.18
N VAL D 111 -37.86 10.70 0.30
CA VAL D 111 -36.81 10.21 -0.60
C VAL D 111 -36.57 8.73 -0.27
N LYS D 112 -36.82 8.38 0.99
CA LYS D 112 -36.72 7.01 1.50
C LYS D 112 -37.97 6.21 1.11
N GLU D 113 -39.15 6.76 1.41
CA GLU D 113 -40.41 6.06 1.15
C GLU D 113 -40.73 5.88 -0.34
N GLN D 114 -40.06 6.67 -1.18
CA GLN D 114 -40.25 6.57 -2.61
C GLN D 114 -39.49 5.36 -3.13
N MET D 115 -38.35 5.07 -2.51
CA MET D 115 -37.55 3.92 -2.88
C MET D 115 -38.20 2.63 -2.36
N PHE D 116 -38.90 2.73 -1.24
CA PHE D 116 -39.66 1.61 -0.67
C PHE D 116 -40.79 1.17 -1.61
N ASN D 117 -41.49 2.15 -2.17
CA ASN D 117 -42.60 1.86 -3.08
C ASN D 117 -42.11 1.31 -4.41
N GLU D 118 -41.08 1.95 -4.97
CA GLU D 118 -40.47 1.48 -6.21
C GLU D 118 -40.02 0.02 -6.05
N LEU D 119 -39.23 -0.24 -5.02
CA LEU D 119 -38.71 -1.59 -4.73
C LEU D 119 -39.80 -2.65 -4.53
N LEU D 120 -40.89 -2.28 -3.86
CA LEU D 120 -41.98 -3.22 -3.59
C LEU D 120 -42.93 -3.43 -4.77
N THR D 121 -43.08 -2.42 -5.63
CA THR D 121 -43.97 -2.51 -6.79
C THR D 121 -43.31 -3.07 -8.04
N TYR D 122 -42.12 -2.56 -8.36
CA TYR D 122 -41.40 -2.94 -9.58
C TYR D 122 -40.39 -4.08 -9.45
N ASN D 123 -39.84 -4.27 -8.24
CA ASN D 123 -38.78 -5.26 -8.06
C ASN D 123 -39.19 -6.52 -7.30
N ALA D 124 -39.84 -6.33 -6.15
CA ALA D 124 -40.33 -7.43 -5.32
C ALA D 124 -41.09 -8.54 -6.09
N PRO D 125 -42.06 -8.16 -6.96
CA PRO D 125 -42.77 -9.22 -7.70
C PRO D 125 -41.87 -10.08 -8.58
N HIS D 126 -40.81 -9.48 -9.13
CA HIS D 126 -39.86 -10.18 -9.97
C HIS D 126 -38.99 -11.16 -9.20
N LEU D 127 -38.59 -10.78 -7.99
CA LEU D 127 -37.80 -11.65 -7.13
C LEU D 127 -38.65 -12.84 -6.69
N MET D 128 -39.91 -12.57 -6.36
CA MET D 128 -40.83 -13.61 -5.92
C MET D 128 -41.00 -14.67 -7.01
N GLN D 129 -41.07 -14.22 -8.27
CA GLN D 129 -41.20 -15.12 -9.40
C GLN D 129 -39.95 -15.97 -9.56
N ASP D 130 -38.78 -15.35 -9.47
CA ASP D 130 -37.51 -16.06 -9.61
C ASP D 130 -37.34 -17.13 -8.54
N LEU D 131 -37.71 -16.78 -7.31
CA LEU D 131 -37.63 -17.69 -6.17
C LEU D 131 -38.63 -18.84 -6.32
N ASP D 132 -39.84 -18.50 -6.77
CA ASP D 132 -40.89 -19.51 -6.99
C ASP D 132 -40.39 -20.50 -8.04
N THR D 133 -39.85 -19.99 -9.15
CA THR D 133 -39.29 -20.83 -10.20
C THR D 133 -38.11 -21.66 -9.67
N TYR D 134 -37.24 -21.03 -8.87
CA TYR D 134 -36.10 -21.72 -8.27
C TYR D 134 -36.53 -22.88 -7.38
N LEU D 135 -37.52 -22.64 -6.51
CA LEU D 135 -38.04 -23.67 -5.62
C LEU D 135 -38.73 -24.78 -6.41
N GLY D 136 -39.46 -24.38 -7.46
CA GLY D 136 -40.17 -25.31 -8.32
C GLY D 136 -41.17 -26.15 -7.54
N GLY D 137 -41.01 -27.48 -7.62
CA GLY D 137 -41.90 -28.39 -6.89
C GLY D 137 -41.24 -28.97 -5.65
N ARG D 138 -40.04 -28.50 -5.34
CA ARG D 138 -39.29 -29.02 -4.19
C ARG D 138 -39.87 -28.63 -2.84
N GLU D 139 -39.46 -29.37 -1.82
CA GLU D 139 -39.93 -29.16 -0.45
C GLU D 139 -39.23 -27.99 0.23
N TRP D 140 -37.90 -27.96 0.12
CA TRP D 140 -37.08 -26.91 0.73
C TRP D 140 -36.26 -26.23 -0.37
N LEU D 141 -35.72 -25.04 -0.07
CA LEU D 141 -34.92 -24.33 -1.07
C LEU D 141 -33.70 -25.12 -1.58
N ILE D 142 -32.92 -25.68 -0.66
CA ILE D 142 -31.72 -26.45 -1.01
C ILE D 142 -31.71 -27.86 -0.36
N GLY D 143 -31.37 -28.87 -1.17
CA GLY D 143 -31.25 -30.26 -0.71
C GLY D 143 -32.56 -30.94 -0.35
N ASN D 144 -32.49 -32.01 0.44
CA ASN D 144 -33.72 -32.72 0.81
C ASN D 144 -34.22 -32.43 2.23
N SER D 145 -33.62 -31.41 2.86
CA SER D 145 -34.00 -31.00 4.22
C SER D 145 -33.77 -29.50 4.47
N VAL D 146 -34.37 -29.00 5.55
CA VAL D 146 -34.31 -27.58 5.92
C VAL D 146 -32.87 -27.10 6.17
N THR D 147 -32.60 -25.85 5.76
CA THR D 147 -31.32 -25.19 5.98
C THR D 147 -31.63 -23.77 6.49
N TRP D 148 -30.60 -23.06 6.94
CA TRP D 148 -30.82 -21.69 7.40
C TRP D 148 -31.26 -20.75 6.27
N ALA D 149 -31.18 -21.22 5.03
CA ALA D 149 -31.67 -20.44 3.89
C ALA D 149 -33.20 -20.41 3.94
N ASP D 150 -33.83 -21.54 4.30
CA ASP D 150 -35.29 -21.54 4.46
C ASP D 150 -35.71 -20.61 5.60
N PHE D 151 -34.92 -20.62 6.67
CA PHE D 151 -35.13 -19.73 7.82
C PHE D 151 -35.06 -18.30 7.32
N TYR D 152 -34.04 -18.01 6.52
CA TYR D 152 -33.85 -16.64 6.01
C TYR D 152 -34.99 -16.22 5.08
N TRP D 153 -35.52 -17.16 4.29
CA TRP D 153 -36.68 -16.86 3.46
C TRP D 153 -37.88 -16.42 4.30
N GLU D 154 -38.19 -17.19 5.34
CA GLU D 154 -39.32 -16.90 6.20
C GLU D 154 -39.15 -15.55 6.90
N ILE D 155 -37.94 -15.30 7.40
CA ILE D 155 -37.63 -14.05 8.09
C ILE D 155 -37.76 -12.83 7.16
N CYS D 156 -37.14 -12.91 5.99
CA CYS D 156 -37.18 -11.80 5.04
C CYS D 156 -38.59 -11.56 4.51
N SER D 157 -39.30 -12.64 4.17
CA SER D 157 -40.67 -12.55 3.64
C SER D 157 -41.64 -11.99 4.69
N THR D 158 -41.38 -12.27 5.97
CA THR D 158 -42.19 -11.75 7.07
C THR D 158 -42.12 -10.23 7.09
N THR D 159 -40.90 -9.69 6.96
CA THR D 159 -40.69 -8.24 6.93
C THR D 159 -41.31 -7.61 5.69
N LEU D 160 -41.14 -8.25 4.53
CA LEU D 160 -41.70 -7.74 3.27
C LEU D 160 -43.24 -7.74 3.25
N LEU D 161 -43.86 -8.76 3.86
CA LEU D 161 -45.32 -8.87 3.91
C LEU D 161 -45.97 -7.78 4.78
N VAL D 162 -45.18 -7.17 5.65
CA VAL D 162 -45.66 -6.07 6.50
C VAL D 162 -46.03 -4.88 5.59
N PHE D 163 -45.07 -4.49 4.75
CA PHE D 163 -45.25 -3.35 3.85
C PHE D 163 -46.02 -3.70 2.58
N LYS D 164 -46.03 -4.98 2.21
CA LYS D 164 -46.77 -5.44 1.02
C LYS D 164 -47.40 -6.80 1.34
N PRO D 165 -48.60 -6.78 1.96
CA PRO D 165 -49.33 -7.98 2.40
C PRO D 165 -49.74 -8.93 1.29
N ASP D 166 -49.86 -8.41 0.07
CA ASP D 166 -50.28 -9.20 -1.09
C ASP D 166 -49.10 -9.76 -1.91
N LEU D 167 -47.91 -9.68 -1.34
CA LEU D 167 -46.68 -10.12 -2.01
C LEU D 167 -46.71 -11.54 -2.58
N LEU D 168 -47.27 -12.49 -1.81
CA LEU D 168 -47.26 -13.90 -2.22
C LEU D 168 -48.59 -14.49 -2.72
N ASP D 169 -49.45 -13.63 -3.29
CA ASP D 169 -50.75 -14.07 -3.79
C ASP D 169 -50.67 -15.02 -4.99
N ASN D 170 -49.70 -14.79 -5.87
CA ASN D 170 -49.50 -15.64 -7.04
C ASN D 170 -48.48 -16.74 -6.82
N HIS D 171 -48.02 -16.88 -5.57
CA HIS D 171 -46.98 -17.85 -5.27
C HIS D 171 -47.29 -18.71 -4.04
N PRO D 172 -48.35 -19.54 -4.11
CA PRO D 172 -48.73 -20.37 -2.94
C PRO D 172 -47.61 -21.29 -2.45
N ARG D 173 -46.71 -21.71 -3.34
CA ARG D 173 -45.59 -22.57 -2.98
C ARG D 173 -44.59 -21.87 -2.05
N LEU D 174 -44.48 -20.55 -2.18
CA LEU D 174 -43.62 -19.76 -1.29
C LEU D 174 -44.31 -19.62 0.07
N VAL D 175 -45.64 -19.50 0.05
CA VAL D 175 -46.43 -19.40 1.28
C VAL D 175 -46.31 -20.72 2.06
N THR D 176 -46.38 -21.84 1.35
CA THR D 176 -46.25 -23.15 1.96
C THR D 176 -44.89 -23.29 2.67
N LEU D 177 -43.83 -22.85 1.99
CA LEU D 177 -42.48 -22.91 2.55
C LEU D 177 -42.39 -22.13 3.86
N ARG D 178 -43.00 -20.95 3.90
CA ARG D 178 -43.07 -20.13 5.11
C ARG D 178 -43.72 -20.94 6.23
N LYS D 179 -44.88 -21.51 5.95
CA LYS D 179 -45.63 -22.32 6.91
C LYS D 179 -44.84 -23.50 7.44
N LYS D 180 -44.14 -24.21 6.55
CA LYS D 180 -43.32 -25.36 6.96
C LYS D 180 -42.22 -24.93 7.94
N VAL D 181 -41.57 -23.81 7.65
CA VAL D 181 -40.55 -23.27 8.57
C VAL D 181 -41.21 -22.89 9.89
N GLN D 182 -42.33 -22.17 9.83
CA GLN D 182 -43.03 -21.73 11.03
C GLN D 182 -43.59 -22.89 11.86
N ALA D 183 -43.72 -24.06 11.22
CA ALA D 183 -44.22 -25.28 11.87
C ALA D 183 -43.17 -26.14 12.56
N ILE D 184 -41.88 -25.88 12.29
CA ILE D 184 -40.80 -26.65 12.95
C ILE D 184 -40.94 -26.32 14.44
N PRO D 185 -41.07 -27.36 15.32
CA PRO D 185 -41.32 -27.12 16.76
C PRO D 185 -40.48 -26.03 17.42
N ALA D 186 -39.17 -26.05 17.23
CA ALA D 186 -38.30 -25.04 17.84
C ALA D 186 -38.57 -23.64 17.31
N VAL D 187 -38.82 -23.51 16.00
CA VAL D 187 -39.14 -22.18 15.44
C VAL D 187 -40.50 -21.72 15.97
N ALA D 188 -41.49 -22.63 15.93
CA ALA D 188 -42.84 -22.35 16.40
C ALA D 188 -42.83 -21.79 17.83
N ASN D 189 -42.05 -22.42 18.70
CA ASN D 189 -41.94 -21.98 20.10
C ASN D 189 -41.28 -20.61 20.24
N TRP D 190 -40.27 -20.36 19.41
CA TRP D 190 -39.61 -19.06 19.42
C TRP D 190 -40.55 -17.98 18.90
N ILE D 191 -41.33 -18.29 17.86
CA ILE D 191 -42.31 -17.35 17.31
C ILE D 191 -43.31 -16.90 18.39
N LYS D 192 -43.64 -17.81 19.30
CA LYS D 192 -44.55 -17.50 20.42
C LYS D 192 -43.85 -16.77 21.58
N ARG D 193 -42.58 -17.09 21.80
CA ARG D 193 -41.84 -16.50 22.91
C ARG D 193 -41.22 -15.13 22.64
N ARG D 194 -40.82 -14.89 21.40
CA ARG D 194 -40.12 -13.63 21.08
C ARG D 194 -40.97 -12.40 21.36
N PRO D 195 -40.32 -11.28 21.75
CA PRO D 195 -41.07 -10.04 21.94
C PRO D 195 -41.77 -9.69 20.64
N GLN D 196 -43.01 -9.21 20.73
CA GLN D 196 -43.79 -8.80 19.57
C GLN D 196 -43.37 -7.41 19.11
N THR D 197 -42.80 -7.33 17.91
CA THR D 197 -42.37 -6.04 17.33
C THR D 197 -42.82 -5.92 15.88
N LYS D 198 -42.89 -4.69 15.38
CA LYS D 198 -43.33 -4.45 14.01
C LYS D 198 -42.31 -5.00 13.01
N LEU D 199 -41.03 -4.74 13.29
CA LEU D 199 -39.93 -5.14 12.42
C LEU D 199 -38.93 -6.05 13.14
#